data_4KV8
#
_entry.id   4KV8
#
_cell.length_a   117.210
_cell.length_b   154.890
_cell.length_c   154.290
_cell.angle_alpha   90.00
_cell.angle_beta   90.00
_cell.angle_gamma   90.00
#
_symmetry.space_group_name_H-M   'C 2 2 21'
#
loop_
_entity.id
_entity.type
_entity.pdbx_description
1 polymer 'HIV Reverse transcriptase P66'
2 polymer 'HIV Reverse transcriptase P51'
3 branched beta-D-fructofuranose-(2-1)-alpha-D-glucopyranose
4 non-polymer 'MALONIC ACID'
5 non-polymer 11-ethyl-5-methyl-8-[2-(1-oxidanylquinolin-4-yl)oxyethyl]dipyrido[3,2-[1,4]diazepin-6-one
6 water water
#
loop_
_entity_poly.entity_id
_entity_poly.type
_entity_poly.pdbx_seq_one_letter_code
_entity_poly.pdbx_strand_id
1 'polypeptide(L)'
;MPISPIETVPVKLKPGMDGPKVKQWPLTEEKIKALVEICTEMEKEGKISKIGPENPYNTPVFAIKKKDSTKWRKLVDFRE
LNKRTQDFWEVQLGIPHPAGLKKKKSVTVLDVGDAYFSVPLDEDFRKYTAFTIPSINNETPGIRYQYNVLPQGWKGSPAI
FQSSMTKILEPFRKQNPDIVIYQYMDDLYVGSDLEIGQHRTKIEELRQHLLRWGLTTPDKKHQKEPPFLWMGYELHPDKW
TVQPIVLPEKDSWTVNDIQKLVGKLNWASQIYPGIKVRQLCKLLRGTKALTEVIPLTEEAELELAENREILKEPVHGVYY
DPSKDLIAEIQKQGQGQWTYQIYQEPFKNLKTGKYARMRGAHTNDVKQLTEAVQKITTESIVIWGKTPKFKLPIQKETWE
TWWTEYWQATWIPEWEFVNTPPLVKLWYQLEKEPIVGAETFYVDGAANRETKLGKAGYVTNRGRQKVVTLTDTTNQKTEL
QAIYLALQDSGLEVNIVTDSQYALGIIQAQPDQSESELVNQIIEQLIKKEKVYLAWVPAHKGIGGNEQVDKLVSAGIRKV
LVPR
;
A
2 'polypeptide(L)'
;GSPISPIETVPVKLKPGMDGPKVKQWPLTEEKIKALVEICTEMEKEGKISKIGPENPYNTPVFAIKKKDSTKWRKLVDFR
ELNKRTQDFWEVQLGIPHPAGLKKKKSVTVLDVGDAYFSVPLDEDFRKYTAFTIPSINNETPGIRYQYNVLPQGWKGSPA
IFQSSMTKILEPFRKQNPDIVIYQYMDDLYVGSDLEIGQHRTKIEELRQHLLRWGLTTPDKKHQKEPPFLWMGYELHPDK
WTVQPIVLPEKDSWTVNDIQKLVGKLNWASQIYPGIKVRQLCKLLRGTKALTEVIPLTEEAELELAENREILKEPVHGVY
YDPSKDLIAEIQKQGQGQWTYQIYQEPFKNLKTGKYARMRGAHTNDVKQLTEAVQKITTESIVIWGKTPKFKLPIQKETW
ETWWTEYWQATWIPEWEFVNTPPLVKLWYQLEKEPIVGAETF
;
B
#
loop_
_chem_comp.id
_chem_comp.type
_chem_comp.name
_chem_comp.formula
1WT non-polymer 11-ethyl-5-methyl-8-[2-(1-oxidanylquinolin-4-yl)oxyethyl]dipyrido[3,2-[1,4]diazepin-6-one 'C25 H24 N5 O3'
FRU D-saccharide, beta linking beta-D-fructofuranose 'C6 H12 O6'
GLC D-saccharide, alpha linking alpha-D-glucopyranose 'C6 H12 O6'
MLA non-polymer 'MALONIC ACID' 'C3 H4 O4'
#
# COMPACT_ATOMS: atom_id res chain seq x y z
N PRO A 2 28.85 -25.79 -22.55
CA PRO A 2 28.13 -25.30 -23.75
C PRO A 2 27.64 -23.87 -23.51
N ILE A 3 27.26 -23.20 -24.59
CA ILE A 3 26.73 -21.85 -24.52
C ILE A 3 25.38 -21.91 -25.21
N SER A 4 24.30 -21.79 -24.44
CA SER A 4 22.94 -21.84 -24.98
C SER A 4 22.77 -21.05 -26.28
N PRO A 5 21.94 -21.55 -27.19
CA PRO A 5 21.62 -20.96 -28.50
C PRO A 5 20.51 -19.94 -28.41
N ILE A 6 19.99 -19.74 -27.20
CA ILE A 6 18.90 -18.80 -27.00
C ILE A 6 19.26 -17.37 -27.39
N GLU A 7 18.31 -16.66 -27.98
CA GLU A 7 18.54 -15.28 -28.40
C GLU A 7 19.06 -14.47 -27.21
N THR A 8 19.89 -13.48 -27.48
CA THR A 8 20.46 -12.63 -26.44
C THR A 8 19.52 -11.51 -26.05
N VAL A 9 19.72 -10.97 -24.85
CA VAL A 9 18.93 -9.84 -24.38
C VAL A 9 19.71 -8.57 -24.69
N PRO A 10 19.14 -7.68 -25.51
CA PRO A 10 19.86 -6.44 -25.85
C PRO A 10 20.09 -5.66 -24.55
N VAL A 11 21.32 -5.21 -24.37
CA VAL A 11 21.66 -4.48 -23.16
C VAL A 11 22.30 -3.16 -23.53
N LYS A 12 22.21 -2.19 -22.64
CA LYS A 12 22.81 -0.90 -22.91
C LYS A 12 23.31 -0.29 -21.63
N LEU A 13 24.15 0.73 -21.76
CA LEU A 13 24.66 1.45 -20.61
C LEU A 13 23.66 2.56 -20.35
N LYS A 14 23.75 3.20 -19.19
CA LYS A 14 22.83 4.30 -18.90
C LYS A 14 23.16 5.45 -19.86
N PRO A 15 22.14 6.20 -20.29
CA PRO A 15 22.33 7.32 -21.22
C PRO A 15 23.36 8.34 -20.78
N GLY A 16 24.16 8.81 -21.73
CA GLY A 16 25.18 9.80 -21.41
C GLY A 16 26.47 9.23 -20.86
N MET A 17 26.47 7.94 -20.56
CA MET A 17 27.66 7.30 -20.01
C MET A 17 28.30 6.40 -21.05
N ASP A 18 29.62 6.24 -20.94
CA ASP A 18 30.35 5.38 -21.86
C ASP A 18 30.92 4.24 -21.04
N GLY A 19 31.48 3.23 -21.73
CA GLY A 19 32.05 2.09 -21.04
C GLY A 19 33.14 2.40 -20.05
N PRO A 20 33.45 1.46 -19.13
CA PRO A 20 34.49 1.68 -18.14
C PRO A 20 35.89 1.65 -18.74
N LYS A 21 36.81 2.39 -18.12
CA LYS A 21 38.19 2.45 -18.58
C LYS A 21 39.11 2.46 -17.37
N VAL A 22 39.01 1.45 -16.52
CA VAL A 22 39.84 1.36 -15.33
C VAL A 22 41.22 0.77 -15.66
N LYS A 23 42.26 1.36 -15.07
CA LYS A 23 43.62 0.90 -15.32
C LYS A 23 43.87 -0.43 -14.59
N GLN A 24 44.54 -1.36 -15.25
CA GLN A 24 44.84 -2.65 -14.65
C GLN A 24 46.07 -2.52 -13.77
N TRP A 25 45.96 -2.96 -12.52
CA TRP A 25 47.06 -2.89 -11.57
C TRP A 25 48.07 -4.00 -11.84
N PRO A 26 49.38 -3.69 -11.75
CA PRO A 26 50.39 -4.73 -12.00
C PRO A 26 50.20 -5.89 -11.02
N LEU A 27 50.33 -7.12 -11.49
CA LEU A 27 50.14 -8.28 -10.63
C LEU A 27 51.43 -9.08 -10.48
N THR A 28 51.49 -9.92 -9.44
CA THR A 28 52.67 -10.75 -9.23
C THR A 28 52.74 -11.78 -10.37
N GLU A 29 53.90 -12.39 -10.55
CA GLU A 29 54.08 -13.38 -11.61
C GLU A 29 53.16 -14.59 -11.53
N GLU A 30 53.00 -15.12 -10.32
CA GLU A 30 52.15 -16.29 -10.10
C GLU A 30 50.68 -16.01 -10.41
N LYS A 31 50.20 -14.83 -10.03
CA LYS A 31 48.82 -14.48 -10.29
C LYS A 31 48.64 -14.33 -11.78
N ILE A 32 49.65 -13.77 -12.44
CA ILE A 32 49.59 -13.59 -13.88
C ILE A 32 49.52 -14.94 -14.58
N LYS A 33 50.27 -15.90 -14.05
CA LYS A 33 50.31 -17.24 -14.63
C LYS A 33 48.96 -17.95 -14.44
N ALA A 34 48.42 -17.85 -13.23
CA ALA A 34 47.14 -18.47 -12.95
C ALA A 34 46.06 -17.88 -13.86
N LEU A 35 46.09 -16.57 -14.06
CA LEU A 35 45.11 -15.91 -14.93
C LEU A 35 45.22 -16.42 -16.37
N VAL A 36 46.44 -16.42 -16.91
CA VAL A 36 46.65 -16.89 -18.28
C VAL A 36 46.15 -18.33 -18.46
N GLU A 37 46.35 -19.17 -17.46
CA GLU A 37 45.89 -20.54 -17.53
C GLU A 37 44.35 -20.64 -17.55
N ILE A 38 43.72 -19.90 -16.64
CA ILE A 38 42.27 -19.86 -16.56
C ILE A 38 41.64 -19.27 -17.82
N CYS A 39 42.21 -18.17 -18.32
CA CYS A 39 41.66 -17.55 -19.52
C CYS A 39 41.79 -18.39 -20.77
N THR A 40 42.87 -19.17 -20.85
CA THR A 40 43.07 -20.02 -22.02
C THR A 40 42.01 -21.12 -22.03
N GLU A 41 41.69 -21.65 -20.86
CA GLU A 41 40.68 -22.68 -20.74
C GLU A 41 39.31 -22.12 -21.19
N MET A 42 38.99 -20.92 -20.72
CA MET A 42 37.72 -20.27 -21.05
C MET A 42 37.67 -19.86 -22.51
N GLU A 43 38.80 -19.45 -23.05
CA GLU A 43 38.88 -19.05 -24.44
C GLU A 43 38.56 -20.21 -25.38
N LYS A 44 39.04 -21.41 -25.03
CA LYS A 44 38.82 -22.60 -25.83
C LYS A 44 37.38 -23.10 -25.77
N GLU A 45 36.67 -22.74 -24.70
CA GLU A 45 35.28 -23.17 -24.57
C GLU A 45 34.31 -22.10 -25.08
N GLY A 46 34.84 -21.00 -25.60
CA GLY A 46 33.99 -19.93 -26.12
C GLY A 46 33.52 -18.87 -25.13
N LYS A 47 33.83 -19.02 -23.84
CA LYS A 47 33.39 -18.04 -22.84
C LYS A 47 33.95 -16.62 -23.09
N ILE A 48 35.22 -16.55 -23.49
CA ILE A 48 35.84 -15.24 -23.77
C ILE A 48 36.56 -15.30 -25.10
N SER A 49 36.82 -14.12 -25.68
CA SER A 49 37.52 -13.98 -26.96
C SER A 49 38.62 -12.93 -26.87
N LYS A 50 39.75 -13.19 -27.51
CA LYS A 50 40.84 -12.22 -27.51
C LYS A 50 40.40 -11.06 -28.39
N ILE A 51 40.70 -9.84 -27.98
CA ILE A 51 40.31 -8.67 -28.75
C ILE A 51 41.54 -7.85 -29.13
N GLY A 52 41.39 -7.03 -30.17
CA GLY A 52 42.49 -6.21 -30.63
C GLY A 52 42.67 -4.99 -29.75
N PRO A 53 43.63 -4.10 -30.08
CA PRO A 53 43.83 -2.92 -29.24
C PRO A 53 42.88 -1.75 -29.56
N GLU A 54 41.95 -1.98 -30.48
CA GLU A 54 40.97 -0.94 -30.85
C GLU A 54 39.92 -0.72 -29.77
N ASN A 55 39.69 -1.75 -28.95
CA ASN A 55 38.74 -1.67 -27.85
C ASN A 55 39.40 -0.81 -26.78
N PRO A 56 38.81 0.36 -26.49
CA PRO A 56 39.30 1.33 -25.50
C PRO A 56 38.88 1.07 -24.07
N TYR A 57 38.02 0.08 -23.85
CA TYR A 57 37.53 -0.19 -22.52
C TYR A 57 38.38 -1.17 -21.73
N ASN A 58 38.18 -1.16 -20.42
CA ASN A 58 38.90 -2.07 -19.56
C ASN A 58 38.39 -2.10 -18.14
N THR A 59 38.47 -3.29 -17.54
CA THR A 59 38.04 -3.52 -16.17
C THR A 59 39.15 -4.29 -15.45
N PRO A 60 39.44 -3.96 -14.19
CA PRO A 60 40.48 -4.62 -13.39
C PRO A 60 40.25 -6.13 -13.27
N VAL A 61 41.34 -6.89 -13.23
CA VAL A 61 41.24 -8.32 -13.07
C VAL A 61 42.06 -8.68 -11.86
N PHE A 62 41.71 -9.76 -11.19
CA PHE A 62 42.46 -10.17 -10.03
C PHE A 62 42.37 -11.68 -9.87
N ALA A 63 43.38 -12.28 -9.26
CA ALA A 63 43.41 -13.72 -9.05
C ALA A 63 43.51 -14.00 -7.57
N ILE A 64 42.70 -14.93 -7.08
CA ILE A 64 42.71 -15.29 -5.68
C ILE A 64 42.66 -16.78 -5.45
N LYS A 65 43.45 -17.23 -4.49
CA LYS A 65 43.49 -18.63 -4.11
C LYS A 65 42.64 -18.62 -2.85
N LYS A 66 41.32 -18.70 -3.03
CA LYS A 66 40.34 -18.63 -1.94
C LYS A 66 40.80 -19.10 -0.56
N LYS A 67 41.64 -20.13 -0.51
CA LYS A 67 42.14 -20.64 0.76
C LYS A 67 43.58 -21.09 0.61
N ASP A 68 44.04 -21.91 1.55
CA ASP A 68 45.39 -22.46 1.48
C ASP A 68 45.17 -23.69 0.59
N SER A 69 44.24 -23.54 -0.35
CA SER A 69 43.92 -24.60 -1.30
C SER A 69 44.89 -24.59 -2.47
N THR A 70 44.54 -25.29 -3.55
CA THR A 70 45.40 -25.36 -4.71
C THR A 70 44.77 -24.77 -5.96
N LYS A 71 43.52 -24.36 -5.86
CA LYS A 71 42.81 -23.79 -7.01
C LYS A 71 42.73 -22.27 -7.03
N TRP A 72 43.18 -21.71 -8.15
CA TRP A 72 43.15 -20.26 -8.37
C TRP A 72 41.79 -19.91 -8.96
N ARG A 73 41.30 -18.73 -8.61
CA ARG A 73 40.01 -18.27 -9.11
C ARG A 73 40.15 -16.88 -9.70
N LYS A 74 39.54 -16.66 -10.86
CA LYS A 74 39.60 -15.37 -11.50
C LYS A 74 38.52 -14.49 -10.89
N LEU A 75 38.90 -13.27 -10.51
CA LEU A 75 37.95 -12.34 -9.91
C LEU A 75 37.97 -11.03 -10.69
N VAL A 76 36.91 -10.76 -11.44
CA VAL A 76 36.84 -9.52 -12.19
C VAL A 76 36.07 -8.46 -11.40
N ASP A 77 36.64 -7.26 -11.32
CA ASP A 77 36.03 -6.17 -10.58
C ASP A 77 35.11 -5.35 -11.48
N PHE A 78 33.83 -5.72 -11.49
CA PHE A 78 32.83 -5.04 -12.31
C PHE A 78 32.11 -3.84 -11.66
N ARG A 79 32.68 -3.31 -10.59
CA ARG A 79 32.06 -2.17 -9.91
C ARG A 79 31.84 -1.00 -10.85
N GLU A 80 32.82 -0.71 -11.67
CA GLU A 80 32.72 0.41 -12.57
C GLU A 80 31.72 0.14 -13.69
N LEU A 81 31.74 -1.07 -14.26
CA LEU A 81 30.81 -1.39 -15.33
C LEU A 81 29.39 -1.41 -14.75
N ASN A 82 29.24 -1.94 -13.54
CA ASN A 82 27.94 -2.01 -12.89
C ASN A 82 27.28 -0.64 -12.72
N LYS A 83 28.08 0.37 -12.40
CA LYS A 83 27.59 1.73 -12.22
C LYS A 83 27.19 2.34 -13.56
N ARG A 84 27.74 1.80 -14.64
CA ARG A 84 27.41 2.34 -15.96
C ARG A 84 26.35 1.55 -16.71
N THR A 85 26.00 0.38 -16.19
CA THR A 85 25.01 -0.47 -16.84
C THR A 85 23.58 -0.05 -16.54
N GLN A 86 22.70 -0.20 -17.53
CA GLN A 86 21.29 0.14 -17.39
C GLN A 86 20.67 -0.59 -16.21
N ASP A 87 19.56 -0.09 -15.70
CA ASP A 87 18.86 -0.76 -14.60
C ASP A 87 18.06 -1.90 -15.21
N PHE A 88 17.79 -2.92 -14.40
CA PHE A 88 17.02 -4.06 -14.86
C PHE A 88 15.78 -4.25 -14.01
N TRP A 89 14.84 -5.04 -14.50
CA TRP A 89 13.64 -5.32 -13.73
C TRP A 89 14.03 -6.35 -12.67
N GLU A 90 13.32 -6.32 -11.55
CA GLU A 90 13.62 -7.25 -10.47
C GLU A 90 13.40 -8.70 -10.85
N VAL A 91 14.32 -9.56 -10.40
CA VAL A 91 14.24 -10.98 -10.69
C VAL A 91 12.89 -11.50 -10.17
N GLN A 92 12.74 -11.57 -8.85
CA GLN A 92 11.49 -12.05 -8.25
C GLN A 92 10.79 -10.98 -7.40
N LEU A 93 9.46 -11.02 -7.41
CA LEU A 93 8.65 -10.05 -6.64
C LEU A 93 8.57 -10.47 -5.17
N GLY A 94 8.77 -11.76 -4.92
CA GLY A 94 8.72 -12.29 -3.58
C GLY A 94 9.19 -13.73 -3.60
N ILE A 95 9.30 -14.33 -2.43
CA ILE A 95 9.75 -15.72 -2.30
C ILE A 95 8.56 -16.62 -1.93
N PRO A 96 8.49 -17.81 -2.53
CA PRO A 96 7.40 -18.76 -2.25
C PRO A 96 7.45 -19.25 -0.82
N HIS A 97 6.29 -19.39 -0.19
CA HIS A 97 6.26 -19.93 1.16
C HIS A 97 5.84 -21.39 1.06
N PRO A 98 6.48 -22.26 1.83
CA PRO A 98 6.14 -23.69 1.80
C PRO A 98 4.65 -23.97 2.01
N ALA A 99 4.02 -23.21 2.91
CA ALA A 99 2.61 -23.38 3.20
C ALA A 99 1.73 -23.22 1.98
N GLY A 100 2.27 -22.59 0.94
CA GLY A 100 1.49 -22.37 -0.26
C GLY A 100 1.73 -23.38 -1.37
N LEU A 101 2.69 -24.28 -1.15
CA LEU A 101 3.02 -25.29 -2.16
C LEU A 101 1.96 -26.40 -2.21
N LYS A 102 1.52 -26.74 -3.42
CA LYS A 102 0.54 -27.81 -3.56
C LYS A 102 1.24 -29.14 -3.36
N LYS A 103 0.50 -30.12 -2.89
CA LYS A 103 1.04 -31.45 -2.67
C LYS A 103 1.31 -32.14 -4.01
N LYS A 104 2.42 -32.89 -4.07
CA LYS A 104 2.81 -33.62 -5.27
C LYS A 104 3.22 -35.04 -4.86
N LYS A 105 3.17 -35.98 -5.80
CA LYS A 105 3.58 -37.34 -5.49
C LYS A 105 5.10 -37.39 -5.54
N SER A 106 5.69 -36.54 -6.37
CA SER A 106 7.14 -36.53 -6.52
C SER A 106 7.70 -35.13 -6.82
N VAL A 107 8.85 -34.85 -6.24
CA VAL A 107 9.54 -33.58 -6.46
C VAL A 107 11.01 -33.93 -6.68
N THR A 108 11.62 -33.33 -7.69
CA THR A 108 13.02 -33.61 -7.97
C THR A 108 13.79 -32.32 -8.12
N VAL A 109 15.05 -32.32 -7.70
CA VAL A 109 15.87 -31.12 -7.82
C VAL A 109 16.95 -31.32 -8.87
N LEU A 110 17.13 -30.33 -9.74
CA LEU A 110 18.13 -30.37 -10.80
C LEU A 110 18.91 -29.07 -10.76
N ASP A 111 20.23 -29.12 -10.62
CA ASP A 111 21.01 -27.88 -10.61
C ASP A 111 21.73 -27.73 -11.94
N VAL A 112 21.73 -26.51 -12.46
CA VAL A 112 22.38 -26.20 -13.72
C VAL A 112 23.86 -25.93 -13.51
N GLY A 113 24.72 -26.67 -14.21
CA GLY A 113 26.16 -26.47 -14.08
C GLY A 113 26.64 -25.22 -14.79
N ASP A 114 27.51 -24.46 -14.13
CA ASP A 114 28.06 -23.23 -14.69
C ASP A 114 26.97 -22.45 -15.42
N ALA A 115 25.93 -22.10 -14.66
CA ALA A 115 24.78 -21.38 -15.18
C ALA A 115 25.07 -20.14 -16.01
N TYR A 116 25.75 -19.15 -15.41
CA TYR A 116 26.06 -17.91 -16.12
C TYR A 116 26.89 -18.10 -17.36
N PHE A 117 27.93 -18.94 -17.29
CA PHE A 117 28.77 -19.14 -18.46
C PHE A 117 28.04 -19.84 -19.60
N SER A 118 26.89 -20.43 -19.32
CA SER A 118 26.16 -21.11 -20.38
C SER A 118 25.16 -20.20 -21.06
N VAL A 119 25.19 -18.91 -20.76
CA VAL A 119 24.26 -17.99 -21.41
C VAL A 119 25.03 -16.90 -22.15
N PRO A 120 24.66 -16.65 -23.40
CA PRO A 120 25.29 -15.65 -24.28
C PRO A 120 24.97 -14.21 -23.92
N LEU A 121 25.98 -13.35 -24.12
CA LEU A 121 25.89 -11.94 -23.84
C LEU A 121 25.65 -11.16 -25.12
N ASP A 122 24.75 -10.18 -25.08
CA ASP A 122 24.43 -9.35 -26.23
C ASP A 122 25.70 -8.85 -26.93
N GLU A 123 25.89 -9.29 -28.18
CA GLU A 123 27.05 -8.92 -28.96
C GLU A 123 27.43 -7.45 -28.90
N ASP A 124 26.45 -6.56 -28.97
CA ASP A 124 26.72 -5.12 -28.94
C ASP A 124 27.21 -4.62 -27.58
N PHE A 125 27.22 -5.50 -26.58
CA PHE A 125 27.61 -5.10 -25.25
C PHE A 125 28.93 -5.73 -24.80
N ARG A 126 29.33 -6.82 -25.45
CA ARG A 126 30.56 -7.52 -25.08
C ARG A 126 31.79 -6.63 -24.95
N LYS A 127 31.97 -5.70 -25.88
CA LYS A 127 33.11 -4.81 -25.88
C LYS A 127 33.34 -4.12 -24.55
N TYR A 128 32.27 -3.86 -23.80
CA TYR A 128 32.38 -3.20 -22.50
C TYR A 128 32.93 -4.10 -21.39
N THR A 129 33.05 -5.39 -21.64
CA THR A 129 33.52 -6.30 -20.60
C THR A 129 35.00 -6.58 -20.73
N ALA A 130 35.63 -5.96 -21.72
CA ALA A 130 37.05 -6.16 -21.97
C ALA A 130 37.92 -6.04 -20.70
N PHE A 131 38.80 -7.02 -20.49
CA PHE A 131 39.72 -6.96 -19.37
C PHE A 131 41.12 -7.26 -19.89
N THR A 132 42.13 -7.01 -19.06
CA THR A 132 43.51 -7.19 -19.49
C THR A 132 44.41 -7.95 -18.52
N ILE A 133 45.10 -8.98 -18.99
CA ILE A 133 46.03 -9.70 -18.12
C ILE A 133 47.36 -8.98 -18.36
N PRO A 134 47.85 -8.27 -17.34
CA PRO A 134 49.10 -7.53 -17.45
C PRO A 134 50.30 -8.44 -17.62
N SER A 135 51.28 -7.98 -18.38
CA SER A 135 52.52 -8.73 -18.56
C SER A 135 53.35 -8.51 -17.28
N ILE A 136 54.46 -9.23 -17.14
CA ILE A 136 55.31 -9.08 -15.96
C ILE A 136 55.82 -7.65 -15.83
N ASN A 137 55.67 -7.08 -14.63
CA ASN A 137 56.09 -5.71 -14.36
C ASN A 137 55.50 -4.71 -15.34
N ASN A 138 54.43 -5.11 -16.02
CA ASN A 138 53.76 -4.26 -17.00
C ASN A 138 54.71 -3.64 -18.01
N GLU A 139 55.73 -4.39 -18.38
CA GLU A 139 56.71 -3.90 -19.35
C GLU A 139 56.13 -3.92 -20.76
N THR A 140 55.45 -5.01 -21.12
CA THR A 140 54.85 -5.14 -22.45
C THR A 140 53.32 -5.13 -22.42
N PRO A 141 52.68 -4.97 -23.60
CA PRO A 141 51.22 -4.94 -23.76
C PRO A 141 50.57 -6.19 -23.16
N GLY A 142 49.50 -6.01 -22.41
CA GLY A 142 48.84 -7.16 -21.80
C GLY A 142 48.02 -7.97 -22.80
N ILE A 143 47.45 -9.07 -22.35
CA ILE A 143 46.63 -9.90 -23.22
C ILE A 143 45.17 -9.47 -23.01
N ARG A 144 44.52 -8.99 -24.07
CA ARG A 144 43.15 -8.50 -24.00
C ARG A 144 42.04 -9.51 -24.34
N TYR A 145 41.01 -9.51 -23.52
CA TYR A 145 39.85 -10.40 -23.67
C TYR A 145 38.52 -9.68 -23.42
N GLN A 146 37.44 -10.26 -23.90
CA GLN A 146 36.10 -9.74 -23.69
C GLN A 146 35.22 -10.97 -23.51
N TYR A 147 34.17 -10.82 -22.71
CA TYR A 147 33.24 -11.92 -22.43
C TYR A 147 32.24 -12.16 -23.56
N ASN A 148 31.85 -13.42 -23.74
CA ASN A 148 30.83 -13.79 -24.73
C ASN A 148 29.60 -14.30 -24.00
N VAL A 149 29.78 -14.56 -22.69
CA VAL A 149 28.71 -15.06 -21.82
C VAL A 149 28.48 -14.10 -20.64
N LEU A 150 27.46 -14.36 -19.84
CA LEU A 150 27.14 -13.51 -18.69
C LEU A 150 28.26 -13.64 -17.66
N PRO A 151 28.93 -12.53 -17.36
CA PRO A 151 30.05 -12.54 -16.40
C PRO A 151 29.55 -12.68 -14.97
N GLN A 152 30.40 -13.28 -14.12
CA GLN A 152 30.10 -13.47 -12.72
C GLN A 152 30.36 -12.11 -12.07
N GLY A 153 29.41 -11.61 -11.28
CA GLY A 153 29.61 -10.31 -10.66
C GLY A 153 28.99 -9.15 -11.43
N TRP A 154 28.66 -9.34 -12.71
CA TRP A 154 28.03 -8.26 -13.45
C TRP A 154 26.56 -8.14 -13.03
N LYS A 155 26.09 -6.89 -12.94
CA LYS A 155 24.73 -6.53 -12.54
C LYS A 155 23.56 -7.14 -13.33
N GLY A 156 23.76 -7.44 -14.61
CA GLY A 156 22.68 -8.00 -15.39
C GLY A 156 22.58 -9.51 -15.44
N SER A 157 23.56 -10.21 -14.88
CA SER A 157 23.55 -11.66 -14.95
C SER A 157 22.38 -12.38 -14.32
N PRO A 158 22.06 -12.08 -13.05
CA PRO A 158 20.93 -12.76 -12.39
C PRO A 158 19.65 -12.65 -13.22
N ALA A 159 19.34 -11.42 -13.62
CA ALA A 159 18.14 -11.13 -14.40
C ALA A 159 18.13 -11.73 -15.81
N ILE A 160 19.22 -11.55 -16.56
CA ILE A 160 19.25 -12.10 -17.91
C ILE A 160 19.25 -13.63 -17.86
N PHE A 161 19.93 -14.22 -16.89
CA PHE A 161 19.96 -15.66 -16.77
C PHE A 161 18.57 -16.20 -16.49
N GLN A 162 17.88 -15.59 -15.52
CA GLN A 162 16.56 -16.04 -15.17
C GLN A 162 15.59 -15.93 -16.34
N SER A 163 15.58 -14.81 -17.06
CA SER A 163 14.66 -14.68 -18.17
C SER A 163 15.01 -15.65 -19.30
N SER A 164 16.30 -16.01 -19.41
CA SER A 164 16.74 -16.96 -20.44
C SER A 164 16.18 -18.33 -20.09
N MET A 165 16.29 -18.68 -18.81
CA MET A 165 15.77 -19.95 -18.32
C MET A 165 14.25 -20.03 -18.52
N THR A 166 13.58 -18.89 -18.38
CA THR A 166 12.12 -18.85 -18.55
C THR A 166 11.75 -19.13 -20.01
N LYS A 167 12.43 -18.47 -20.95
CA LYS A 167 12.15 -18.68 -22.37
C LYS A 167 12.48 -20.12 -22.77
N ILE A 168 13.52 -20.69 -22.20
CA ILE A 168 13.90 -22.06 -22.52
C ILE A 168 12.89 -23.09 -22.01
N LEU A 169 12.30 -22.84 -20.86
CA LEU A 169 11.33 -23.78 -20.30
C LEU A 169 9.94 -23.67 -20.95
N GLU A 170 9.62 -22.49 -21.49
CA GLU A 170 8.32 -22.26 -22.11
C GLU A 170 7.81 -23.44 -22.94
N PRO A 171 8.55 -23.82 -23.98
CA PRO A 171 8.12 -24.95 -24.83
C PRO A 171 7.78 -26.21 -24.03
N PHE A 172 8.62 -26.55 -23.07
CA PHE A 172 8.39 -27.74 -22.27
C PHE A 172 7.17 -27.61 -21.36
N ARG A 173 6.89 -26.39 -20.92
CA ARG A 173 5.73 -26.16 -20.06
C ARG A 173 4.45 -26.36 -20.87
N LYS A 174 4.35 -25.72 -22.03
CA LYS A 174 3.17 -25.84 -22.87
C LYS A 174 2.85 -27.31 -23.17
N GLN A 175 3.89 -28.12 -23.35
CA GLN A 175 3.72 -29.53 -23.66
C GLN A 175 3.46 -30.41 -22.43
N ASN A 176 3.62 -29.84 -21.24
CA ASN A 176 3.40 -30.58 -20.01
C ASN A 176 2.80 -29.65 -18.95
N PRO A 177 1.62 -29.08 -19.23
CA PRO A 177 0.89 -28.15 -18.36
C PRO A 177 0.64 -28.65 -16.94
N ASP A 178 0.82 -29.94 -16.74
CA ASP A 178 0.61 -30.57 -15.44
C ASP A 178 1.87 -30.69 -14.59
N ILE A 179 3.02 -30.42 -15.17
CA ILE A 179 4.27 -30.50 -14.45
C ILE A 179 4.57 -29.14 -13.82
N VAL A 180 5.10 -29.16 -12.60
CA VAL A 180 5.41 -27.92 -11.90
C VAL A 180 6.91 -27.70 -11.86
N ILE A 181 7.34 -26.53 -12.33
CA ILE A 181 8.74 -26.21 -12.38
C ILE A 181 9.07 -24.88 -11.71
N TYR A 182 9.84 -24.90 -10.63
CA TYR A 182 10.20 -23.67 -9.95
C TYR A 182 11.67 -23.31 -10.19
N GLN A 183 11.91 -22.11 -10.70
CA GLN A 183 13.27 -21.63 -10.98
C GLN A 183 13.82 -20.86 -9.78
N TYR A 184 14.93 -21.33 -9.23
CA TYR A 184 15.56 -20.64 -8.10
C TYR A 184 17.04 -20.52 -8.40
N MET A 185 17.46 -19.33 -8.80
CA MET A 185 18.85 -19.10 -9.17
C MET A 185 19.25 -20.18 -10.16
N ASP A 186 20.30 -20.94 -9.88
CA ASP A 186 20.68 -21.99 -10.82
C ASP A 186 20.10 -23.37 -10.50
N ASP A 187 19.02 -23.40 -9.72
CA ASP A 187 18.36 -24.66 -9.39
C ASP A 187 16.98 -24.74 -10.03
N LEU A 188 16.49 -25.95 -10.22
CA LEU A 188 15.18 -26.18 -10.80
C LEU A 188 14.50 -27.24 -9.95
N TYR A 189 13.31 -26.94 -9.44
CA TYR A 189 12.57 -27.92 -8.65
C TYR A 189 11.38 -28.31 -9.51
N VAL A 190 11.23 -29.61 -9.74
CA VAL A 190 10.18 -30.15 -10.59
C VAL A 190 9.32 -31.15 -9.84
N GLY A 191 8.00 -30.94 -9.90
CA GLY A 191 7.09 -31.82 -9.21
C GLY A 191 5.92 -32.19 -10.10
N SER A 192 5.36 -33.37 -9.83
CA SER A 192 4.21 -33.84 -10.60
C SER A 192 3.38 -34.84 -9.81
N ASP A 193 2.21 -35.17 -10.35
CA ASP A 193 1.30 -36.13 -9.75
C ASP A 193 1.35 -37.44 -10.54
N LEU A 194 2.52 -37.72 -11.13
CA LEU A 194 2.71 -38.94 -11.90
C LEU A 194 3.34 -40.01 -11.01
N GLU A 195 3.15 -41.26 -11.40
CA GLU A 195 3.70 -42.38 -10.66
C GLU A 195 5.22 -42.36 -10.80
N ILE A 196 5.92 -42.72 -9.73
CA ILE A 196 7.38 -42.72 -9.70
C ILE A 196 8.02 -43.17 -11.01
N GLY A 197 7.32 -44.00 -11.77
CA GLY A 197 7.86 -44.48 -13.04
C GLY A 197 7.83 -43.47 -14.17
N GLN A 198 6.66 -42.89 -14.44
CA GLN A 198 6.52 -41.92 -15.51
C GLN A 198 7.13 -40.57 -15.10
N HIS A 199 7.37 -40.42 -13.81
CA HIS A 199 7.95 -39.19 -13.29
C HIS A 199 9.42 -39.14 -13.70
N ARG A 200 10.17 -40.16 -13.30
CA ARG A 200 11.60 -40.25 -13.61
C ARG A 200 11.81 -40.15 -15.12
N THR A 201 10.77 -40.53 -15.86
CA THR A 201 10.80 -40.48 -17.31
C THR A 201 10.61 -39.06 -17.81
N LYS A 202 9.61 -38.38 -17.27
CA LYS A 202 9.34 -37.01 -17.66
C LYS A 202 10.56 -36.14 -17.33
N ILE A 203 11.20 -36.46 -16.21
CA ILE A 203 12.39 -35.72 -15.79
C ILE A 203 13.49 -35.86 -16.84
N GLU A 204 13.78 -37.10 -17.24
CA GLU A 204 14.82 -37.37 -18.24
C GLU A 204 14.52 -36.57 -19.51
N GLU A 205 13.24 -36.47 -19.82
CA GLU A 205 12.79 -35.71 -20.97
C GLU A 205 13.09 -34.21 -20.76
N LEU A 206 12.99 -33.75 -19.52
CA LEU A 206 13.26 -32.34 -19.20
C LEU A 206 14.75 -32.09 -19.42
N ARG A 207 15.58 -32.96 -18.82
CA ARG A 207 17.02 -32.85 -18.95
C ARG A 207 17.40 -32.83 -20.42
N GLN A 208 16.74 -33.68 -21.20
CA GLN A 208 17.02 -33.74 -22.63
C GLN A 208 16.66 -32.41 -23.26
N HIS A 209 15.53 -31.85 -22.88
CA HIS A 209 15.12 -30.56 -23.43
C HIS A 209 16.10 -29.48 -23.00
N LEU A 210 16.52 -29.50 -21.75
CA LEU A 210 17.45 -28.50 -21.26
C LEU A 210 18.79 -28.61 -22.00
N LEU A 211 19.30 -29.83 -22.14
CA LEU A 211 20.55 -30.04 -22.84
C LEU A 211 20.52 -29.50 -24.29
N ARG A 212 19.36 -29.62 -24.94
CA ARG A 212 19.22 -29.12 -26.30
C ARG A 212 19.35 -27.62 -26.34
N TRP A 213 19.28 -26.99 -25.17
CA TRP A 213 19.40 -25.53 -25.10
C TRP A 213 20.67 -25.08 -24.38
N GLY A 214 21.63 -25.99 -24.23
CA GLY A 214 22.90 -25.64 -23.60
C GLY A 214 23.04 -25.79 -22.10
N LEU A 215 22.03 -26.36 -21.45
CA LEU A 215 22.08 -26.51 -20.00
C LEU A 215 22.24 -27.97 -19.58
N THR A 216 23.33 -28.26 -18.88
CA THR A 216 23.63 -29.60 -18.39
C THR A 216 23.09 -29.76 -16.98
N THR A 217 22.69 -30.98 -16.62
CA THR A 217 22.14 -31.25 -15.30
C THR A 217 22.60 -32.61 -14.82
N PRO A 218 22.48 -32.88 -13.52
CA PRO A 218 22.90 -34.18 -12.99
C PRO A 218 21.97 -35.30 -13.46
N ASP A 219 22.53 -36.50 -13.62
CA ASP A 219 21.72 -37.65 -14.03
C ASP A 219 21.02 -38.21 -12.79
N LYS A 220 20.15 -39.20 -12.99
CA LYS A 220 19.41 -39.81 -11.89
C LYS A 220 20.31 -40.36 -10.78
N LYS A 221 21.62 -40.32 -10.99
CA LYS A 221 22.58 -40.81 -10.01
C LYS A 221 23.04 -39.75 -9.01
N HIS A 222 23.14 -38.51 -9.49
CA HIS A 222 23.60 -37.41 -8.64
C HIS A 222 22.53 -36.45 -8.18
N GLN A 223 21.27 -36.78 -8.46
CA GLN A 223 20.16 -35.93 -8.04
C GLN A 223 19.99 -36.07 -6.52
N LYS A 224 20.02 -34.92 -5.84
CA LYS A 224 19.89 -34.91 -4.38
C LYS A 224 18.64 -35.64 -3.90
N GLU A 225 18.67 -36.06 -2.64
CA GLU A 225 17.56 -36.78 -2.03
C GLU A 225 16.86 -35.96 -0.95
N PRO A 226 15.59 -36.31 -0.65
CA PRO A 226 14.73 -35.68 0.35
C PRO A 226 15.29 -35.92 1.75
N PRO A 227 15.14 -34.94 2.66
CA PRO A 227 14.49 -33.66 2.44
C PRO A 227 15.36 -32.63 1.72
N PHE A 228 14.71 -31.62 1.13
CA PHE A 228 15.42 -30.56 0.43
C PHE A 228 15.58 -29.33 1.30
N LEU A 229 16.82 -28.85 1.46
CA LEU A 229 17.07 -27.66 2.25
C LEU A 229 16.99 -26.50 1.27
N TRP A 230 16.12 -25.54 1.57
CA TRP A 230 15.92 -24.41 0.68
C TRP A 230 15.41 -23.18 1.41
N MET A 231 16.03 -22.04 1.13
CA MET A 231 15.65 -20.78 1.77
C MET A 231 15.44 -20.92 3.28
N GLY A 232 16.20 -21.82 3.90
CA GLY A 232 16.09 -22.01 5.34
C GLY A 232 15.01 -22.96 5.79
N TYR A 233 14.37 -23.63 4.84
CA TYR A 233 13.31 -24.59 5.14
C TYR A 233 13.81 -26.00 4.88
N GLU A 234 13.15 -26.96 5.51
CA GLU A 234 13.46 -28.37 5.36
C GLU A 234 12.20 -28.93 4.73
N LEU A 235 12.26 -29.32 3.46
CA LEU A 235 11.07 -29.82 2.78
C LEU A 235 11.00 -31.32 2.60
N HIS A 236 9.99 -31.93 3.20
CA HIS A 236 9.77 -33.37 3.12
C HIS A 236 8.60 -33.66 2.19
N PRO A 237 8.41 -34.92 1.82
CA PRO A 237 7.31 -35.30 0.93
C PRO A 237 5.88 -35.04 1.43
N ASP A 238 5.64 -35.11 2.73
CA ASP A 238 4.28 -34.86 3.22
C ASP A 238 4.18 -33.71 4.24
N LYS A 239 5.30 -33.05 4.49
CA LYS A 239 5.31 -31.95 5.45
C LYS A 239 6.55 -31.08 5.27
N TRP A 240 6.56 -29.93 5.92
CA TRP A 240 7.71 -29.03 5.84
C TRP A 240 7.92 -28.44 7.22
N THR A 241 9.10 -27.87 7.44
CA THR A 241 9.45 -27.22 8.69
C THR A 241 10.65 -26.31 8.46
N VAL A 242 11.04 -25.57 9.48
CA VAL A 242 12.20 -24.71 9.33
C VAL A 242 13.41 -25.58 9.68
N GLN A 243 14.55 -25.25 9.08
CA GLN A 243 15.76 -26.01 9.35
C GLN A 243 16.03 -26.01 10.84
N PRO A 244 16.63 -27.09 11.36
CA PRO A 244 16.96 -27.27 12.77
C PRO A 244 17.38 -25.98 13.46
N ILE A 245 16.68 -25.64 14.54
CA ILE A 245 16.99 -24.44 15.30
C ILE A 245 17.51 -24.80 16.68
N VAL A 246 18.73 -24.35 16.96
CA VAL A 246 19.37 -24.62 18.25
C VAL A 246 19.50 -23.34 19.07
N LEU A 247 18.85 -23.32 20.23
CA LEU A 247 18.91 -22.16 21.11
C LEU A 247 20.18 -22.15 21.97
N PRO A 248 21.07 -21.17 21.73
CA PRO A 248 22.32 -21.04 22.47
C PRO A 248 22.15 -21.16 23.98
N GLU A 249 23.04 -21.92 24.60
CA GLU A 249 23.00 -22.07 26.05
C GLU A 249 24.14 -21.20 26.55
N LYS A 250 23.82 -20.02 27.07
CA LYS A 250 24.88 -19.12 27.55
C LYS A 250 24.67 -18.57 28.94
N ASP A 251 25.77 -18.22 29.59
CA ASP A 251 25.72 -17.64 30.93
C ASP A 251 25.55 -16.15 30.77
N SER A 252 26.36 -15.56 29.90
CA SER A 252 26.29 -14.14 29.67
C SER A 252 25.82 -13.86 28.25
N TRP A 253 24.77 -13.05 28.12
CA TRP A 253 24.24 -12.72 26.82
C TRP A 253 24.72 -11.38 26.31
N THR A 254 25.24 -11.36 25.10
CA THR A 254 25.73 -10.12 24.49
C THR A 254 24.73 -9.63 23.46
N VAL A 255 24.84 -8.35 23.11
CA VAL A 255 23.94 -7.80 22.10
C VAL A 255 23.97 -8.68 20.83
N ASN A 256 25.15 -9.13 20.42
CA ASN A 256 25.27 -9.96 19.23
C ASN A 256 24.50 -11.28 19.39
N ASP A 257 24.63 -11.94 20.54
CA ASP A 257 23.95 -13.20 20.79
C ASP A 257 22.42 -13.06 20.83
N ILE A 258 21.94 -11.94 21.36
CA ILE A 258 20.51 -11.70 21.47
C ILE A 258 19.87 -11.40 20.13
N GLN A 259 20.60 -10.67 19.28
CA GLN A 259 20.08 -10.36 17.95
C GLN A 259 19.94 -11.67 17.17
N LYS A 260 20.94 -12.55 17.29
CA LYS A 260 20.89 -13.83 16.60
C LYS A 260 19.75 -14.69 17.14
N LEU A 261 19.52 -14.60 18.45
CA LEU A 261 18.44 -15.35 19.11
C LEU A 261 17.09 -14.87 18.59
N VAL A 262 16.86 -13.56 18.60
CA VAL A 262 15.61 -12.99 18.11
C VAL A 262 15.37 -13.39 16.66
N GLY A 263 16.44 -13.35 15.86
CA GLY A 263 16.34 -13.72 14.46
C GLY A 263 15.87 -15.16 14.31
N LYS A 264 16.48 -16.09 15.05
CA LYS A 264 16.07 -17.49 14.98
C LYS A 264 14.64 -17.70 15.49
N LEU A 265 14.25 -17.00 16.55
CA LEU A 265 12.90 -17.13 17.08
C LEU A 265 11.88 -16.64 16.05
N ASN A 266 12.17 -15.49 15.43
CA ASN A 266 11.27 -14.94 14.42
C ASN A 266 11.12 -15.90 13.25
N TRP A 267 12.21 -16.55 12.86
CA TRP A 267 12.16 -17.52 11.77
C TRP A 267 11.36 -18.75 12.22
N ALA A 268 11.55 -19.17 13.47
CA ALA A 268 10.83 -20.34 13.98
C ALA A 268 9.34 -20.07 14.14
N SER A 269 9.00 -18.82 14.45
CA SER A 269 7.60 -18.45 14.66
C SER A 269 6.68 -18.73 13.46
N GLN A 270 7.27 -19.13 12.34
CA GLN A 270 6.48 -19.42 11.13
C GLN A 270 5.75 -20.75 11.21
N ILE A 271 6.18 -21.63 12.10
CA ILE A 271 5.54 -22.93 12.23
C ILE A 271 5.39 -23.41 13.67
N TYR A 272 6.13 -22.79 14.59
CA TYR A 272 6.05 -23.11 16.01
C TYR A 272 5.10 -22.08 16.65
N PRO A 273 3.91 -22.53 17.08
CA PRO A 273 2.90 -21.66 17.70
C PRO A 273 3.32 -21.07 19.03
N GLY A 274 2.96 -19.81 19.27
CA GLY A 274 3.27 -19.19 20.55
C GLY A 274 4.65 -18.58 20.80
N ILE A 275 5.52 -18.55 19.80
CA ILE A 275 6.84 -17.94 20.01
C ILE A 275 6.68 -16.47 20.43
N LYS A 276 7.44 -16.03 21.42
CA LYS A 276 7.36 -14.63 21.87
C LYS A 276 8.73 -13.97 21.81
N VAL A 277 8.76 -12.69 21.49
CA VAL A 277 10.05 -12.00 21.41
C VAL A 277 10.03 -10.61 22.02
N ARG A 278 8.84 -10.14 22.39
CA ARG A 278 8.70 -8.82 22.99
C ARG A 278 9.73 -8.53 24.08
N GLN A 279 9.76 -9.35 25.11
CA GLN A 279 10.71 -9.11 26.21
C GLN A 279 12.16 -9.19 25.78
N LEU A 280 12.44 -9.97 24.75
CA LEU A 280 13.80 -10.10 24.26
C LEU A 280 14.17 -8.86 23.46
N CYS A 281 13.24 -8.36 22.64
CA CYS A 281 13.49 -7.16 21.85
C CYS A 281 13.67 -5.94 22.74
N LYS A 282 12.99 -5.92 23.89
CA LYS A 282 13.14 -4.78 24.79
C LYS A 282 14.59 -4.63 25.22
N LEU A 283 15.25 -5.76 25.48
CA LEU A 283 16.65 -5.73 25.92
C LEU A 283 17.54 -5.04 24.90
N LEU A 284 17.18 -5.13 23.62
CA LEU A 284 17.96 -4.54 22.56
C LEU A 284 17.68 -3.05 22.36
N ARG A 285 16.77 -2.49 23.15
CA ARG A 285 16.45 -1.07 23.02
C ARG A 285 17.61 -0.25 23.55
N GLY A 286 17.89 0.86 22.88
CA GLY A 286 18.98 1.71 23.29
C GLY A 286 20.22 1.45 22.47
N THR A 287 21.27 2.20 22.76
CA THR A 287 22.52 2.04 22.05
C THR A 287 23.51 1.32 22.95
N LYS A 288 24.03 0.21 22.47
CA LYS A 288 24.98 -0.59 23.25
C LYS A 288 25.95 -1.31 22.33
N ALA A 289 27.16 -1.54 22.84
CA ALA A 289 28.19 -2.23 22.06
C ALA A 289 27.76 -3.67 21.73
N LEU A 290 27.99 -4.07 20.48
CA LEU A 290 27.64 -5.40 20.00
C LEU A 290 28.26 -6.51 20.87
N THR A 291 29.37 -6.19 21.53
CA THR A 291 30.07 -7.13 22.38
C THR A 291 29.79 -6.92 23.87
N GLU A 292 28.78 -6.12 24.17
CA GLU A 292 28.40 -5.81 25.55
C GLU A 292 27.45 -6.84 26.16
N VAL A 293 27.67 -7.15 27.45
CA VAL A 293 26.81 -8.12 28.14
C VAL A 293 25.53 -7.49 28.69
N ILE A 294 24.39 -7.99 28.24
CA ILE A 294 23.10 -7.51 28.67
C ILE A 294 22.48 -8.48 29.66
N PRO A 295 22.33 -8.08 30.93
CA PRO A 295 21.73 -8.96 31.93
C PRO A 295 20.25 -9.17 31.64
N LEU A 296 19.79 -10.41 31.70
CA LEU A 296 18.39 -10.70 31.42
C LEU A 296 17.43 -10.30 32.54
N THR A 297 16.41 -9.53 32.19
CA THR A 297 15.40 -9.12 33.15
C THR A 297 14.62 -10.38 33.48
N GLU A 298 13.80 -10.36 34.53
CA GLU A 298 13.03 -11.54 34.88
C GLU A 298 11.98 -11.87 33.81
N GLU A 299 11.47 -10.84 33.15
CA GLU A 299 10.47 -11.04 32.11
C GLU A 299 11.12 -11.73 30.92
N ALA A 300 12.33 -11.31 30.56
CA ALA A 300 13.06 -11.92 29.45
C ALA A 300 13.39 -13.37 29.79
N GLU A 301 13.72 -13.64 31.05
CA GLU A 301 14.03 -15.01 31.47
C GLU A 301 12.79 -15.88 31.27
N LEU A 302 11.64 -15.36 31.70
CA LEU A 302 10.38 -16.09 31.58
C LEU A 302 10.03 -16.37 30.11
N GLU A 303 10.21 -15.37 29.26
CA GLU A 303 9.92 -15.49 27.83
C GLU A 303 10.90 -16.47 27.16
N LEU A 304 12.16 -16.43 27.54
CA LEU A 304 13.14 -17.36 26.97
C LEU A 304 12.82 -18.81 27.33
N ALA A 305 12.29 -19.02 28.54
CA ALA A 305 11.95 -20.35 29.01
C ALA A 305 10.68 -20.85 28.33
N GLU A 306 9.76 -19.94 28.06
CA GLU A 306 8.52 -20.32 27.40
C GLU A 306 8.91 -20.81 26.00
N ASN A 307 9.82 -20.07 25.34
CA ASN A 307 10.27 -20.45 23.99
C ASN A 307 11.02 -21.77 23.96
N ARG A 308 11.97 -21.97 24.89
CA ARG A 308 12.74 -23.22 24.91
C ARG A 308 11.78 -24.41 24.98
N GLU A 309 10.69 -24.23 25.73
CA GLU A 309 9.67 -25.27 25.90
C GLU A 309 8.93 -25.57 24.60
N ILE A 310 8.64 -24.52 23.84
CA ILE A 310 7.94 -24.67 22.58
C ILE A 310 8.85 -25.35 21.56
N LEU A 311 10.13 -25.01 21.62
CA LEU A 311 11.11 -25.57 20.70
C LEU A 311 11.70 -26.90 21.11
N LYS A 312 11.22 -27.51 22.20
CA LYS A 312 11.78 -28.80 22.62
C LYS A 312 11.26 -29.95 21.76
N GLU A 313 9.95 -29.98 21.52
CA GLU A 313 9.34 -31.03 20.69
C GLU A 313 9.13 -30.49 19.29
N PRO A 314 9.82 -31.07 18.29
CA PRO A 314 9.76 -30.69 16.87
C PRO A 314 8.34 -30.67 16.29
N VAL A 315 8.02 -29.59 15.59
CA VAL A 315 6.70 -29.43 14.98
C VAL A 315 6.87 -29.18 13.48
N HIS A 316 5.86 -29.55 12.71
CA HIS A 316 5.93 -29.36 11.27
C HIS A 316 4.66 -28.76 10.69
N GLY A 317 4.75 -28.34 9.43
CA GLY A 317 3.58 -27.78 8.78
C GLY A 317 3.21 -28.68 7.62
N VAL A 318 2.01 -28.52 7.07
CA VAL A 318 1.60 -29.32 5.93
C VAL A 318 1.50 -28.46 4.68
N TYR A 319 1.31 -29.13 3.54
CA TYR A 319 1.19 -28.47 2.26
C TYR A 319 -0.24 -28.08 1.97
N TYR A 320 -0.42 -27.33 0.90
CA TYR A 320 -1.71 -26.80 0.50
C TYR A 320 -2.56 -27.66 -0.43
N ASP A 321 -3.85 -27.74 -0.11
CA ASP A 321 -4.79 -28.50 -0.92
C ASP A 321 -5.81 -27.47 -1.41
N PRO A 322 -5.74 -27.11 -2.69
CA PRO A 322 -6.67 -26.12 -3.26
C PRO A 322 -8.16 -26.43 -3.18
N SER A 323 -8.53 -27.69 -3.00
CA SER A 323 -9.95 -28.04 -2.93
C SER A 323 -10.56 -27.78 -1.56
N LYS A 324 -9.72 -27.70 -0.52
CA LYS A 324 -10.20 -27.45 0.83
C LYS A 324 -10.24 -25.95 1.09
N ASP A 325 -10.75 -25.55 2.23
CA ASP A 325 -10.80 -24.12 2.55
C ASP A 325 -9.66 -23.70 3.48
N LEU A 326 -9.53 -22.40 3.70
CA LEU A 326 -8.47 -21.86 4.54
C LEU A 326 -9.07 -21.23 5.80
N ILE A 327 -8.61 -21.65 6.97
CA ILE A 327 -9.08 -21.11 8.23
C ILE A 327 -7.92 -20.48 9.02
N ALA A 328 -8.18 -19.33 9.62
CA ALA A 328 -7.16 -18.65 10.41
C ALA A 328 -7.73 -18.31 11.78
N GLU A 329 -6.98 -18.65 12.81
CA GLU A 329 -7.38 -18.36 14.19
C GLU A 329 -6.33 -17.45 14.81
N ILE A 330 -6.78 -16.54 15.66
CA ILE A 330 -5.90 -15.61 16.32
C ILE A 330 -6.14 -15.64 17.82
N GLN A 331 -5.07 -15.55 18.60
CA GLN A 331 -5.22 -15.55 20.05
C GLN A 331 -4.42 -14.40 20.65
N LYS A 332 -4.99 -13.74 21.65
CA LYS A 332 -4.29 -12.66 22.30
C LYS A 332 -3.33 -13.41 23.22
N GLN A 333 -2.06 -13.00 23.25
CA GLN A 333 -1.11 -13.67 24.13
C GLN A 333 -0.80 -12.77 25.31
N GLY A 334 -1.12 -11.50 25.16
CA GLY A 334 -0.86 -10.58 26.24
C GLY A 334 -0.56 -9.18 25.81
N GLN A 335 0.40 -8.58 26.51
CA GLN A 335 0.82 -7.21 26.26
C GLN A 335 1.14 -6.94 24.81
N GLY A 336 0.12 -6.60 24.05
CA GLY A 336 0.30 -6.27 22.65
C GLY A 336 0.76 -7.38 21.73
N GLN A 337 0.92 -8.59 22.25
CA GLN A 337 1.35 -9.71 21.44
C GLN A 337 0.16 -10.57 20.98
N TRP A 338 0.19 -10.99 19.72
CA TRP A 338 -0.87 -11.82 19.16
C TRP A 338 -0.22 -12.97 18.39
N THR A 339 -0.90 -14.09 18.30
CA THR A 339 -0.36 -15.25 17.61
C THR A 339 -1.50 -15.82 16.75
N TYR A 340 -1.18 -16.43 15.62
CA TYR A 340 -2.19 -17.00 14.73
C TYR A 340 -1.74 -18.30 14.07
N GLN A 341 -2.70 -19.10 13.64
CA GLN A 341 -2.41 -20.35 12.97
C GLN A 341 -3.33 -20.42 11.78
N ILE A 342 -2.85 -21.01 10.70
CA ILE A 342 -3.66 -21.15 9.52
C ILE A 342 -3.68 -22.62 9.17
N TYR A 343 -4.87 -23.14 8.93
CA TYR A 343 -5.00 -24.55 8.61
C TYR A 343 -6.20 -24.79 7.74
N GLN A 344 -6.29 -25.99 7.18
CA GLN A 344 -7.40 -26.36 6.31
C GLN A 344 -8.20 -27.43 7.03
N GLU A 345 -7.49 -28.41 7.59
CA GLU A 345 -8.10 -29.51 8.33
C GLU A 345 -7.76 -29.23 9.79
N PRO A 346 -8.78 -29.11 10.64
CA PRO A 346 -8.64 -28.84 12.07
C PRO A 346 -7.35 -29.27 12.75
N PHE A 347 -6.52 -28.26 12.97
CA PHE A 347 -5.24 -28.33 13.66
C PHE A 347 -4.00 -28.86 12.95
N LYS A 348 -4.08 -29.02 11.63
CA LYS A 348 -2.92 -29.42 10.83
C LYS A 348 -2.50 -28.10 10.18
N ASN A 349 -1.67 -27.35 10.90
CA ASN A 349 -1.21 -26.04 10.47
C ASN A 349 -0.46 -25.96 9.16
N LEU A 350 -0.86 -25.02 8.30
CA LEU A 350 -0.14 -24.80 7.05
C LEU A 350 1.03 -23.93 7.51
N LYS A 351 0.72 -22.95 8.36
CA LYS A 351 1.73 -22.07 8.94
C LYS A 351 1.16 -21.33 10.12
N THR A 352 2.03 -20.75 10.93
CA THR A 352 1.62 -19.96 12.08
C THR A 352 2.32 -18.61 11.98
N GLY A 353 2.04 -17.73 12.93
CA GLY A 353 2.66 -16.43 12.92
C GLY A 353 2.32 -15.66 14.17
N LYS A 354 2.79 -14.42 14.25
CA LYS A 354 2.54 -13.56 15.39
C LYS A 354 2.47 -12.12 14.91
N TYR A 355 1.91 -11.26 15.74
CA TYR A 355 1.76 -9.84 15.42
C TYR A 355 1.95 -9.05 16.70
N ALA A 356 2.74 -7.97 16.62
CA ALA A 356 3.01 -7.10 17.76
C ALA A 356 2.42 -5.72 17.53
N ARG A 357 1.79 -5.17 18.57
CA ARG A 357 1.16 -3.86 18.48
C ARG A 357 2.15 -2.76 18.13
N MET A 358 1.68 -1.76 17.41
CA MET A 358 2.51 -0.64 17.02
C MET A 358 3.05 0.04 18.29
N ARG A 359 4.33 0.41 18.25
CA ARG A 359 4.97 1.08 19.39
C ARG A 359 4.70 2.58 19.41
N GLY A 360 4.67 3.15 20.61
CA GLY A 360 4.45 4.58 20.78
C GLY A 360 3.11 5.09 20.29
N ALA A 361 2.09 4.24 20.32
CA ALA A 361 0.77 4.65 19.84
C ALA A 361 -0.36 4.21 20.80
N HIS A 362 -1.34 5.11 20.96
CA HIS A 362 -2.49 4.83 21.83
C HIS A 362 -3.42 3.87 21.10
N THR A 363 -3.76 2.76 21.74
CA THR A 363 -4.61 1.78 21.09
C THR A 363 -5.37 0.87 22.07
N ASN A 364 -6.24 0.02 21.51
CA ASN A 364 -7.02 -0.93 22.31
C ASN A 364 -7.02 -2.31 21.63
N ASP A 365 -7.52 -3.31 22.33
CA ASP A 365 -7.54 -4.65 21.78
C ASP A 365 -8.31 -4.82 20.47
N VAL A 366 -9.43 -4.12 20.29
CA VAL A 366 -10.17 -4.25 19.04
C VAL A 366 -9.36 -3.72 17.85
N LYS A 367 -8.60 -2.63 18.06
CA LYS A 367 -7.80 -2.09 16.97
C LYS A 367 -6.67 -3.03 16.62
N GLN A 368 -6.00 -3.58 17.63
CA GLN A 368 -4.91 -4.50 17.37
C GLN A 368 -5.41 -5.75 16.64
N LEU A 369 -6.56 -6.27 17.02
CA LEU A 369 -7.10 -7.47 16.36
C LEU A 369 -7.32 -7.18 14.87
N THR A 370 -7.97 -6.05 14.60
CA THR A 370 -8.26 -5.62 13.24
C THR A 370 -6.96 -5.53 12.44
N GLU A 371 -5.92 -4.97 13.05
CA GLU A 371 -4.62 -4.84 12.39
C GLU A 371 -4.05 -6.22 12.11
N ALA A 372 -4.17 -7.13 13.08
CA ALA A 372 -3.66 -8.48 12.88
C ALA A 372 -4.43 -9.16 11.75
N VAL A 373 -5.76 -9.01 11.74
CA VAL A 373 -6.58 -9.63 10.69
C VAL A 373 -6.11 -9.10 9.34
N GLN A 374 -5.85 -7.80 9.28
CA GLN A 374 -5.39 -7.19 8.04
C GLN A 374 -4.04 -7.76 7.61
N LYS A 375 -3.12 -7.92 8.55
CA LYS A 375 -1.81 -8.47 8.21
C LYS A 375 -1.93 -9.89 7.66
N ILE A 376 -2.78 -10.70 8.29
CA ILE A 376 -3.00 -12.07 7.85
C ILE A 376 -3.70 -12.11 6.49
N THR A 377 -4.66 -11.22 6.28
CA THR A 377 -5.36 -11.17 5.00
C THR A 377 -4.36 -10.91 3.85
N THR A 378 -3.46 -9.94 4.04
CA THR A 378 -2.48 -9.61 3.01
C THR A 378 -1.58 -10.81 2.69
N GLU A 379 -1.06 -11.43 3.74
CA GLU A 379 -0.20 -12.59 3.60
C GLU A 379 -0.95 -13.75 2.91
N SER A 380 -2.22 -13.96 3.27
CA SER A 380 -2.97 -15.04 2.65
C SER A 380 -3.09 -14.86 1.15
N ILE A 381 -3.37 -13.64 0.72
CA ILE A 381 -3.50 -13.35 -0.71
C ILE A 381 -2.18 -13.61 -1.44
N VAL A 382 -1.06 -13.25 -0.82
CA VAL A 382 0.24 -13.49 -1.43
C VAL A 382 0.50 -14.98 -1.55
N ILE A 383 0.24 -15.71 -0.47
CA ILE A 383 0.52 -17.14 -0.43
C ILE A 383 -0.47 -18.07 -1.14
N TRP A 384 -1.76 -17.88 -0.93
CA TRP A 384 -2.74 -18.78 -1.55
C TRP A 384 -3.66 -18.09 -2.55
N GLY A 385 -3.52 -16.77 -2.67
CA GLY A 385 -4.36 -16.04 -3.61
C GLY A 385 -5.83 -15.93 -3.20
N LYS A 386 -6.11 -16.12 -1.92
CA LYS A 386 -7.48 -16.02 -1.41
C LYS A 386 -7.43 -15.67 0.08
N THR A 387 -8.50 -15.07 0.59
CA THR A 387 -8.57 -14.71 1.99
C THR A 387 -9.15 -15.87 2.79
N PRO A 388 -8.62 -16.11 3.98
CA PRO A 388 -9.17 -17.21 4.77
C PRO A 388 -10.40 -16.78 5.54
N LYS A 389 -11.04 -17.75 6.18
CA LYS A 389 -12.21 -17.48 7.02
C LYS A 389 -11.57 -17.33 8.40
N PHE A 390 -11.98 -16.32 9.16
CA PHE A 390 -11.36 -16.13 10.48
C PHE A 390 -12.17 -16.63 11.67
N LYS A 391 -11.46 -17.01 12.72
CA LYS A 391 -12.07 -17.46 13.97
C LYS A 391 -11.42 -16.56 15.02
N LEU A 392 -12.19 -15.56 15.47
CA LEU A 392 -11.69 -14.56 16.39
C LEU A 392 -12.24 -14.61 17.80
N PRO A 393 -11.40 -14.20 18.76
CA PRO A 393 -11.70 -14.16 20.19
C PRO A 393 -12.41 -12.89 20.58
N ILE A 394 -13.44 -12.53 19.84
CA ILE A 394 -14.20 -11.33 20.11
C ILE A 394 -15.67 -11.57 19.73
N GLN A 395 -16.58 -11.09 20.57
CA GLN A 395 -18.02 -11.27 20.32
C GLN A 395 -18.47 -10.39 19.16
N LYS A 396 -19.44 -10.88 18.40
CA LYS A 396 -20.00 -10.12 17.27
C LYS A 396 -20.55 -8.77 17.69
N GLU A 397 -21.18 -8.72 18.88
CA GLU A 397 -21.74 -7.48 19.40
C GLU A 397 -20.63 -6.49 19.76
N THR A 398 -19.56 -6.98 20.37
CA THR A 398 -18.45 -6.10 20.73
C THR A 398 -17.91 -5.44 19.46
N TRP A 399 -17.69 -6.24 18.42
CA TRP A 399 -17.17 -5.72 17.16
C TRP A 399 -18.13 -4.73 16.49
N GLU A 400 -19.41 -5.06 16.47
CA GLU A 400 -20.41 -4.21 15.87
C GLU A 400 -20.50 -2.87 16.60
N THR A 401 -20.41 -2.90 17.94
CA THR A 401 -20.47 -1.68 18.74
C THR A 401 -19.28 -0.78 18.36
N TRP A 402 -18.12 -1.40 18.20
CA TRP A 402 -16.92 -0.66 17.87
C TRP A 402 -16.90 -0.04 16.48
N TRP A 403 -17.08 -0.86 15.45
CA TRP A 403 -17.00 -0.32 14.10
C TRP A 403 -18.10 0.63 13.69
N THR A 404 -19.31 0.48 14.21
CA THR A 404 -20.35 1.39 13.81
C THR A 404 -20.12 2.77 14.41
N GLU A 405 -19.42 2.83 15.54
CA GLU A 405 -19.14 4.09 16.23
C GLU A 405 -17.86 4.81 15.78
N TYR A 406 -16.78 4.05 15.60
CA TYR A 406 -15.47 4.59 15.20
C TYR A 406 -15.57 5.44 13.94
N TRP A 407 -14.79 6.51 13.88
CA TRP A 407 -14.81 7.41 12.72
C TRP A 407 -14.03 6.89 11.52
N GLN A 408 -13.32 5.79 11.70
CA GLN A 408 -12.54 5.28 10.60
C GLN A 408 -13.23 4.06 9.99
N ALA A 409 -13.12 3.92 8.68
CA ALA A 409 -13.71 2.79 7.98
C ALA A 409 -12.93 1.52 8.31
N THR A 410 -13.60 0.52 8.86
CA THR A 410 -12.97 -0.73 9.22
C THR A 410 -13.84 -1.86 8.74
N TRP A 411 -13.22 -2.88 8.17
CA TRP A 411 -13.95 -4.04 7.66
C TRP A 411 -13.15 -5.30 7.80
N ILE A 412 -13.81 -6.36 8.26
CA ILE A 412 -13.18 -7.66 8.44
C ILE A 412 -13.89 -8.68 7.57
N PRO A 413 -13.13 -9.49 6.82
CA PRO A 413 -13.73 -10.51 5.95
C PRO A 413 -14.49 -11.49 6.85
N GLU A 414 -15.28 -12.38 6.25
CA GLU A 414 -16.07 -13.38 6.97
C GLU A 414 -15.34 -14.01 8.17
N TRP A 415 -15.96 -13.91 9.34
CA TRP A 415 -15.38 -14.48 10.57
C TRP A 415 -16.45 -14.98 11.53
N GLU A 416 -16.03 -15.88 12.40
CA GLU A 416 -16.91 -16.44 13.42
C GLU A 416 -16.23 -16.23 14.76
N PHE A 417 -17.04 -16.11 15.81
CA PHE A 417 -16.53 -15.94 17.16
C PHE A 417 -16.16 -17.31 17.69
N VAL A 418 -15.04 -17.39 18.41
CA VAL A 418 -14.61 -18.65 18.98
C VAL A 418 -14.17 -18.28 20.39
N ASN A 419 -14.73 -18.97 21.38
CA ASN A 419 -14.44 -18.66 22.77
C ASN A 419 -13.12 -19.22 23.31
N THR A 420 -12.03 -18.48 23.07
CA THR A 420 -10.70 -18.87 23.54
C THR A 420 -10.10 -17.71 24.31
N PRO A 421 -10.37 -17.62 25.61
CA PRO A 421 -9.87 -16.55 26.48
C PRO A 421 -8.34 -16.37 26.40
N PRO A 422 -7.86 -15.13 26.58
CA PRO A 422 -8.64 -13.93 26.88
C PRO A 422 -9.43 -13.38 25.68
N LEU A 423 -10.63 -12.88 25.95
CA LEU A 423 -11.47 -12.31 24.90
C LEU A 423 -11.18 -10.83 24.72
N VAL A 424 -11.46 -10.32 23.52
CA VAL A 424 -11.24 -8.93 23.19
C VAL A 424 -12.51 -8.16 23.59
N LYS A 425 -12.31 -7.07 24.31
CA LYS A 425 -13.41 -6.25 24.79
C LYS A 425 -12.98 -4.80 24.97
N LEU A 426 -13.96 -3.91 25.10
CA LEU A 426 -13.69 -2.49 25.33
C LEU A 426 -13.85 -2.35 26.84
N TRP A 427 -12.86 -1.76 27.51
CA TRP A 427 -12.91 -1.63 28.96
C TRP A 427 -13.74 -0.50 29.56
N TYR A 428 -14.18 0.42 28.71
CA TYR A 428 -15.02 1.53 29.14
C TYR A 428 -15.58 2.14 27.88
N GLN A 429 -16.63 2.94 28.02
CA GLN A 429 -17.22 3.60 26.88
C GLN A 429 -17.67 4.96 27.37
N LEU A 430 -17.61 5.95 26.48
CA LEU A 430 -18.01 7.30 26.81
C LEU A 430 -19.50 7.50 26.51
N GLU A 431 -20.13 8.38 27.27
CA GLU A 431 -21.54 8.67 27.08
C GLU A 431 -21.76 9.41 25.77
N LYS A 432 -22.97 9.33 25.24
CA LYS A 432 -23.28 10.02 24.01
C LYS A 432 -23.95 11.36 24.30
N GLU A 433 -24.39 11.54 25.54
CA GLU A 433 -25.05 12.77 25.94
C GLU A 433 -24.58 13.21 27.32
N PRO A 434 -24.66 14.51 27.61
CA PRO A 434 -24.23 15.00 28.93
C PRO A 434 -25.04 14.30 30.02
N ILE A 435 -24.41 14.08 31.17
CA ILE A 435 -25.06 13.40 32.29
C ILE A 435 -25.72 14.39 33.27
N VAL A 436 -26.96 14.11 33.64
CA VAL A 436 -27.67 14.95 34.59
C VAL A 436 -27.35 14.48 36.00
N GLY A 437 -27.18 15.41 36.92
CA GLY A 437 -26.87 15.02 38.29
C GLY A 437 -25.41 14.71 38.51
N ALA A 438 -24.60 15.09 37.52
CA ALA A 438 -23.16 14.88 37.57
C ALA A 438 -22.46 16.23 37.43
N GLU A 439 -21.36 16.39 38.16
CA GLU A 439 -20.59 17.62 38.14
C GLU A 439 -19.86 17.84 36.80
N THR A 440 -19.96 19.05 36.28
CA THR A 440 -19.32 19.43 35.03
C THR A 440 -17.96 20.11 35.31
N PHE A 441 -16.87 19.50 34.86
CA PHE A 441 -15.54 20.06 35.03
C PHE A 441 -15.04 20.79 33.78
N TYR A 442 -14.73 22.08 33.90
CA TYR A 442 -14.18 22.81 32.77
C TYR A 442 -12.66 22.79 32.98
N VAL A 443 -11.95 22.03 32.17
CA VAL A 443 -10.52 21.92 32.34
C VAL A 443 -9.74 22.68 31.32
N ASP A 444 -8.49 22.96 31.65
CA ASP A 444 -7.60 23.67 30.73
C ASP A 444 -6.17 23.56 31.22
N GLY A 445 -5.25 23.77 30.29
CA GLY A 445 -3.85 23.69 30.60
C GLY A 445 -3.05 24.56 29.68
N ALA A 446 -2.18 25.37 30.25
CA ALA A 446 -1.34 26.28 29.48
C ALA A 446 0.11 25.99 29.86
N ALA A 447 1.02 26.27 28.93
CA ALA A 447 2.43 26.03 29.17
C ALA A 447 3.30 27.06 28.45
N ASN A 448 3.99 27.88 29.24
CA ASN A 448 4.89 28.89 28.71
C ASN A 448 5.96 28.15 27.91
N ARG A 449 5.98 28.39 26.61
CA ARG A 449 6.92 27.72 25.72
C ARG A 449 8.39 28.06 25.99
N GLU A 450 8.62 29.19 26.65
CA GLU A 450 9.97 29.64 26.96
C GLU A 450 10.52 28.97 28.23
N THR A 451 9.78 29.10 29.32
CA THR A 451 10.20 28.52 30.60
C THR A 451 9.89 27.03 30.75
N LYS A 452 8.99 26.52 29.91
CA LYS A 452 8.60 25.10 29.97
C LYS A 452 7.68 24.86 31.16
N LEU A 453 7.46 25.89 31.96
CA LEU A 453 6.58 25.78 33.12
C LEU A 453 5.15 25.62 32.64
N GLY A 454 4.31 24.99 33.45
CA GLY A 454 2.93 24.79 33.06
C GLY A 454 1.97 24.67 34.22
N LYS A 455 0.69 24.82 33.92
CA LYS A 455 -0.35 24.72 34.93
C LYS A 455 -1.53 23.93 34.38
N ALA A 456 -2.14 23.13 35.26
CA ALA A 456 -3.29 22.34 34.89
C ALA A 456 -4.34 22.50 35.99
N GLY A 457 -5.57 22.77 35.60
CA GLY A 457 -6.62 22.94 36.60
C GLY A 457 -8.01 22.83 36.04
N TYR A 458 -8.98 23.12 36.89
CA TYR A 458 -10.38 23.06 36.48
C TYR A 458 -11.26 23.97 37.34
N VAL A 459 -12.50 24.11 36.90
CA VAL A 459 -13.52 24.89 37.58
C VAL A 459 -14.79 24.08 37.35
N THR A 460 -15.67 23.99 38.34
CA THR A 460 -16.90 23.22 38.12
C THR A 460 -18.15 24.05 38.35
N ASN A 461 -19.28 23.50 37.94
CA ASN A 461 -20.55 24.18 38.08
C ASN A 461 -20.96 24.17 39.56
N ARG A 462 -20.22 23.42 40.37
CA ARG A 462 -20.49 23.31 41.80
C ARG A 462 -19.50 24.16 42.59
N GLY A 463 -18.84 25.08 41.91
CA GLY A 463 -17.90 25.96 42.56
C GLY A 463 -16.50 25.44 42.84
N ARG A 464 -16.28 24.13 42.74
CA ARG A 464 -14.94 23.62 42.99
C ARG A 464 -13.95 24.14 41.98
N GLN A 465 -12.68 24.18 42.38
CA GLN A 465 -11.61 24.65 41.52
C GLN A 465 -10.23 24.41 42.13
N LYS A 466 -9.37 23.77 41.35
CA LYS A 466 -8.00 23.45 41.77
C LYS A 466 -7.05 23.81 40.64
N VAL A 467 -5.79 24.04 40.97
CA VAL A 467 -4.78 24.38 39.98
C VAL A 467 -3.43 23.88 40.45
N VAL A 468 -2.84 22.94 39.72
CA VAL A 468 -1.54 22.42 40.09
C VAL A 468 -0.51 23.04 39.15
N THR A 469 0.76 22.86 39.47
CA THR A 469 1.84 23.42 38.67
C THR A 469 2.73 22.30 38.16
N LEU A 470 3.07 22.37 36.87
CA LEU A 470 3.90 21.35 36.24
C LEU A 470 5.23 21.93 35.76
N THR A 471 6.25 21.08 35.70
CA THR A 471 7.57 21.51 35.29
C THR A 471 8.02 20.79 34.04
N ASP A 472 8.71 21.53 33.17
CA ASP A 472 9.23 20.98 31.91
C ASP A 472 8.16 20.15 31.20
N THR A 473 7.02 20.79 30.96
CA THR A 473 5.91 20.13 30.30
C THR A 473 5.61 20.86 29.00
N THR A 474 4.72 20.28 28.20
CA THR A 474 4.33 20.88 26.94
C THR A 474 2.85 21.25 27.00
N ASN A 475 2.40 22.08 26.06
CA ASN A 475 1.00 22.47 26.05
C ASN A 475 0.13 21.22 25.98
N GLN A 476 0.58 20.24 25.20
CA GLN A 476 -0.16 19.00 25.05
C GLN A 476 -0.24 18.20 26.34
N LYS A 477 0.87 18.10 27.05
CA LYS A 477 0.89 17.36 28.29
C LYS A 477 0.04 18.03 29.37
N THR A 478 -0.02 19.35 29.37
CA THR A 478 -0.82 20.03 30.38
C THR A 478 -2.32 19.82 30.18
N GLU A 479 -2.74 19.69 28.93
CA GLU A 479 -4.15 19.48 28.62
C GLU A 479 -4.52 18.10 29.14
N LEU A 480 -3.57 17.18 29.01
CA LEU A 480 -3.76 15.81 29.46
C LEU A 480 -3.81 15.71 30.99
N GLN A 481 -2.92 16.47 31.66
CA GLN A 481 -2.88 16.46 33.13
C GLN A 481 -4.16 17.05 33.70
N ALA A 482 -4.65 18.10 33.07
CA ALA A 482 -5.88 18.75 33.52
C ALA A 482 -7.06 17.75 33.47
N ILE A 483 -7.09 16.91 32.45
CA ILE A 483 -8.15 15.92 32.34
C ILE A 483 -7.97 14.87 33.44
N TYR A 484 -6.73 14.51 33.71
CA TYR A 484 -6.44 13.53 34.75
C TYR A 484 -6.82 14.04 36.14
N LEU A 485 -6.66 15.33 36.39
CA LEU A 485 -7.02 15.87 37.69
C LEU A 485 -8.52 15.86 37.88
N ALA A 486 -9.24 16.14 36.81
CA ALA A 486 -10.70 16.17 36.86
C ALA A 486 -11.25 14.78 37.17
N LEU A 487 -10.66 13.75 36.57
CA LEU A 487 -11.11 12.39 36.80
C LEU A 487 -10.81 11.91 38.21
N GLN A 488 -9.64 12.29 38.70
CA GLN A 488 -9.19 11.92 40.03
C GLN A 488 -10.02 12.54 41.17
N ASP A 489 -10.51 13.76 40.95
CA ASP A 489 -11.30 14.47 41.96
C ASP A 489 -12.81 14.38 41.78
N SER A 490 -13.24 13.72 40.72
CA SER A 490 -14.66 13.61 40.42
C SER A 490 -15.22 12.33 40.99
N GLY A 491 -16.55 12.23 40.96
CA GLY A 491 -17.23 11.04 41.45
C GLY A 491 -17.35 10.00 40.35
N LEU A 492 -18.19 9.00 40.57
CA LEU A 492 -18.40 7.93 39.60
C LEU A 492 -18.95 8.42 38.25
N GLU A 493 -19.63 9.56 38.26
CA GLU A 493 -20.17 10.12 37.03
C GLU A 493 -19.57 11.52 36.84
N VAL A 494 -19.30 11.91 35.60
CA VAL A 494 -18.70 13.21 35.40
C VAL A 494 -18.74 13.71 33.97
N ASN A 495 -18.95 15.01 33.82
CA ASN A 495 -18.94 15.67 32.52
C ASN A 495 -17.66 16.50 32.48
N ILE A 496 -16.85 16.30 31.44
CA ILE A 496 -15.61 17.04 31.32
C ILE A 496 -15.59 17.84 30.03
N VAL A 497 -15.41 19.16 30.15
CA VAL A 497 -15.35 20.05 29.01
C VAL A 497 -13.89 20.49 28.84
N THR A 498 -13.34 20.27 27.65
CA THR A 498 -11.96 20.65 27.37
C THR A 498 -11.92 21.41 26.04
N ASP A 499 -10.82 22.11 25.78
CA ASP A 499 -10.70 22.80 24.49
C ASP A 499 -9.55 22.19 23.72
N SER A 500 -9.08 21.05 24.20
CA SER A 500 -7.99 20.33 23.56
C SER A 500 -8.49 19.25 22.61
N GLN A 501 -8.42 19.53 21.32
CA GLN A 501 -8.87 18.57 20.33
C GLN A 501 -7.98 17.33 20.40
N TYR A 502 -6.71 17.54 20.67
CA TYR A 502 -5.75 16.45 20.80
C TYR A 502 -6.19 15.44 21.86
N ALA A 503 -6.59 15.94 23.02
CA ALA A 503 -7.02 15.07 24.11
C ALA A 503 -8.30 14.33 23.75
N LEU A 504 -9.26 15.07 23.21
CA LEU A 504 -10.54 14.48 22.81
C LEU A 504 -10.25 13.30 21.89
N GLY A 505 -9.42 13.54 20.87
CA GLY A 505 -9.07 12.49 19.92
C GLY A 505 -8.63 11.19 20.55
N ILE A 506 -7.62 11.27 21.40
CA ILE A 506 -7.10 10.07 22.05
C ILE A 506 -8.17 9.36 22.86
N ILE A 507 -8.90 10.12 23.68
CA ILE A 507 -9.93 9.54 24.53
C ILE A 507 -11.14 8.96 23.80
N GLN A 508 -11.65 9.63 22.77
CA GLN A 508 -12.79 9.07 22.03
C GLN A 508 -12.52 7.69 21.43
N ALA A 509 -11.25 7.36 21.19
CA ALA A 509 -10.91 6.05 20.59
C ALA A 509 -10.85 4.91 21.61
N GLN A 510 -11.26 5.19 22.83
CA GLN A 510 -11.28 4.17 23.87
C GLN A 510 -9.97 3.42 24.07
N PRO A 511 -8.83 4.14 24.03
CA PRO A 511 -7.55 3.45 24.22
C PRO A 511 -7.50 2.66 25.52
N ASP A 512 -6.88 1.50 25.45
CA ASP A 512 -6.74 0.61 26.58
C ASP A 512 -5.25 0.41 26.95
N GLN A 513 -4.39 0.72 25.99
CA GLN A 513 -2.96 0.58 26.16
C GLN A 513 -2.25 1.81 25.59
N SER A 514 -1.10 2.12 26.17
CA SER A 514 -0.30 3.27 25.77
C SER A 514 1.04 3.18 26.48
N GLU A 515 2.03 3.91 25.98
CA GLU A 515 3.36 3.93 26.57
C GLU A 515 3.51 5.21 27.39
N SER A 516 2.64 6.18 27.10
CA SER A 516 2.61 7.45 27.80
C SER A 516 1.98 7.26 29.18
N GLU A 517 2.78 7.42 30.23
CA GLU A 517 2.31 7.26 31.60
C GLU A 517 1.05 8.09 31.85
N LEU A 518 1.03 9.29 31.32
CA LEU A 518 -0.12 10.17 31.48
C LEU A 518 -1.39 9.50 30.97
N VAL A 519 -1.37 9.10 29.70
CA VAL A 519 -2.52 8.44 29.09
C VAL A 519 -2.88 7.17 29.85
N ASN A 520 -1.88 6.44 30.32
CA ASN A 520 -2.16 5.22 31.07
C ASN A 520 -2.88 5.50 32.39
N GLN A 521 -2.53 6.62 33.03
CA GLN A 521 -3.16 6.99 34.30
C GLN A 521 -4.62 7.36 34.03
N ILE A 522 -4.83 8.16 32.99
CA ILE A 522 -6.16 8.57 32.60
C ILE A 522 -7.03 7.35 32.29
N ILE A 523 -6.44 6.33 31.67
CA ILE A 523 -7.17 5.13 31.32
C ILE A 523 -7.60 4.36 32.57
N GLU A 524 -6.72 4.28 33.55
CA GLU A 524 -6.97 3.60 34.82
C GLU A 524 -8.19 4.22 35.50
N GLN A 525 -8.31 5.54 35.41
CA GLN A 525 -9.43 6.25 36.00
C GLN A 525 -10.73 6.08 35.21
N LEU A 526 -10.64 6.11 33.89
CA LEU A 526 -11.81 5.96 33.04
C LEU A 526 -12.50 4.61 33.22
N ILE A 527 -11.72 3.58 33.50
CA ILE A 527 -12.25 2.24 33.70
C ILE A 527 -13.04 2.15 35.01
N LYS A 528 -12.59 2.90 36.02
CA LYS A 528 -13.25 2.93 37.32
C LYS A 528 -14.57 3.69 37.27
N LYS A 529 -14.68 4.65 36.36
CA LYS A 529 -15.90 5.43 36.26
C LYS A 529 -17.09 4.58 35.83
N GLU A 530 -18.29 5.15 35.94
CA GLU A 530 -19.50 4.47 35.51
C GLU A 530 -20.01 5.21 34.29
N LYS A 531 -19.86 6.53 34.30
CA LYS A 531 -20.30 7.36 33.19
C LYS A 531 -19.39 8.57 32.99
N VAL A 532 -18.85 8.74 31.79
CA VAL A 532 -18.01 9.88 31.49
C VAL A 532 -18.43 10.48 30.16
N TYR A 533 -18.74 11.77 30.18
CA TYR A 533 -19.11 12.46 28.98
C TYR A 533 -18.05 13.54 28.73
N LEU A 534 -17.46 13.53 27.55
CA LEU A 534 -16.41 14.46 27.21
C LEU A 534 -16.84 15.38 26.08
N ALA A 535 -16.72 16.68 26.29
CA ALA A 535 -17.09 17.67 25.27
C ALA A 535 -15.94 18.61 24.96
N TRP A 536 -16.03 19.26 23.80
CA TRP A 536 -15.01 20.19 23.31
C TRP A 536 -15.58 21.59 23.09
N VAL A 537 -14.82 22.60 23.46
CA VAL A 537 -15.23 24.00 23.29
C VAL A 537 -14.09 24.79 22.65
N PRO A 538 -14.44 25.75 21.79
CA PRO A 538 -13.43 26.57 21.11
C PRO A 538 -12.48 27.26 22.07
N ALA A 539 -11.19 27.08 21.85
CA ALA A 539 -10.13 27.65 22.67
C ALA A 539 -10.40 29.00 23.34
N HIS A 540 -9.85 30.08 22.78
CA HIS A 540 -10.00 31.42 23.36
C HIS A 540 -11.19 32.24 22.90
N LYS A 541 -12.41 31.74 23.09
CA LYS A 541 -13.59 32.50 22.67
C LYS A 541 -14.35 33.07 23.86
N GLY A 542 -13.70 33.10 25.01
CA GLY A 542 -14.32 33.64 26.22
C GLY A 542 -15.63 32.94 26.55
N ILE A 543 -15.70 31.65 26.27
CA ILE A 543 -16.90 30.87 26.55
C ILE A 543 -17.02 30.60 28.04
N GLY A 544 -18.20 30.83 28.59
CA GLY A 544 -18.41 30.59 30.01
C GLY A 544 -17.79 29.29 30.47
N GLY A 545 -17.19 29.34 31.66
CA GLY A 545 -16.55 28.15 32.21
C GLY A 545 -15.14 28.05 31.68
N ASN A 546 -15.01 27.87 30.37
CA ASN A 546 -13.70 27.77 29.74
C ASN A 546 -12.88 29.01 30.03
N GLU A 547 -13.55 30.16 30.08
CA GLU A 547 -12.88 31.43 30.35
C GLU A 547 -12.51 31.57 31.81
N GLN A 548 -13.45 31.23 32.69
CA GLN A 548 -13.24 31.34 34.13
C GLN A 548 -12.13 30.42 34.65
N VAL A 549 -11.69 29.47 33.82
CA VAL A 549 -10.63 28.55 34.23
C VAL A 549 -9.35 28.85 33.46
N ASP A 550 -9.50 29.43 32.27
CA ASP A 550 -8.36 29.78 31.43
C ASP A 550 -7.55 30.87 32.13
N LYS A 551 -8.18 31.55 33.09
CA LYS A 551 -7.51 32.60 33.85
C LYS A 551 -6.54 31.98 34.85
N LEU A 552 -7.11 31.26 35.82
CA LEU A 552 -6.34 30.61 36.87
C LEU A 552 -5.24 29.72 36.33
N VAL A 553 -5.28 29.45 35.03
CA VAL A 553 -4.27 28.60 34.41
C VAL A 553 -3.20 29.36 33.62
N SER A 554 -3.58 30.47 33.01
CA SER A 554 -2.65 31.29 32.23
C SER A 554 -1.67 32.07 33.13
N ALA A 555 -2.22 32.84 34.06
CA ALA A 555 -1.43 33.64 34.99
C ALA A 555 -0.23 32.87 35.54
N ILE B 7 -3.36 6.23 -38.03
CA ILE B 7 -2.08 5.48 -38.24
C ILE B 7 -0.92 6.45 -38.52
N GLU B 8 -0.30 6.95 -37.45
CA GLU B 8 0.83 7.87 -37.53
C GLU B 8 1.20 8.32 -36.11
N THR B 9 2.12 7.58 -35.48
CA THR B 9 2.53 7.88 -34.12
C THR B 9 2.89 9.34 -33.83
N VAL B 10 2.59 9.77 -32.62
CA VAL B 10 2.87 11.12 -32.17
C VAL B 10 4.02 11.07 -31.18
N PRO B 11 5.15 11.72 -31.50
CA PRO B 11 6.32 11.72 -30.60
C PRO B 11 5.95 12.09 -29.16
N VAL B 12 6.41 11.28 -28.20
CA VAL B 12 6.14 11.54 -26.79
C VAL B 12 7.44 11.64 -26.01
N LYS B 13 7.53 12.64 -25.14
CA LYS B 13 8.74 12.85 -24.35
C LYS B 13 8.45 13.23 -22.89
N LEU B 14 9.12 12.55 -21.95
CA LEU B 14 8.96 12.84 -20.53
C LEU B 14 9.63 14.20 -20.29
N LYS B 15 10.37 14.64 -21.30
CA LYS B 15 11.10 15.91 -21.28
C LYS B 15 12.17 15.80 -20.19
N PRO B 16 13.45 15.66 -20.60
CA PRO B 16 14.63 15.54 -19.73
C PRO B 16 14.43 16.00 -18.29
N GLY B 17 14.73 15.09 -17.36
CA GLY B 17 14.59 15.40 -15.94
C GLY B 17 13.96 14.25 -15.18
N MET B 18 12.81 13.79 -15.65
CA MET B 18 12.10 12.69 -14.99
C MET B 18 12.41 11.35 -15.64
N ASP B 19 12.37 10.30 -14.82
CA ASP B 19 12.61 8.95 -15.31
C ASP B 19 11.29 8.19 -15.29
N GLY B 20 11.22 7.11 -16.06
CA GLY B 20 10.01 6.33 -16.12
C GLY B 20 9.57 5.83 -14.77
N PRO B 21 8.35 5.28 -14.70
CA PRO B 21 7.79 4.77 -13.44
C PRO B 21 8.36 3.41 -13.06
N LYS B 22 8.60 3.23 -11.77
CA LYS B 22 9.14 1.99 -11.24
C LYS B 22 8.32 1.66 -10.00
N VAL B 23 7.05 1.36 -10.22
CA VAL B 23 6.15 1.07 -9.13
C VAL B 23 6.03 -0.43 -8.98
N LYS B 24 5.90 -0.89 -7.73
CA LYS B 24 5.80 -2.32 -7.46
C LYS B 24 4.39 -2.87 -7.69
N GLN B 25 4.30 -4.09 -8.21
CA GLN B 25 3.01 -4.72 -8.46
C GLN B 25 2.42 -5.27 -7.17
N TRP B 26 1.12 -5.11 -6.99
CA TRP B 26 0.43 -5.60 -5.81
C TRP B 26 0.00 -7.04 -5.95
N PRO B 27 -0.04 -7.78 -4.84
CA PRO B 27 -0.46 -9.19 -4.87
C PRO B 27 -1.94 -9.16 -5.23
N LEU B 28 -2.40 -10.15 -5.98
CA LEU B 28 -3.79 -10.19 -6.38
C LEU B 28 -4.33 -11.57 -6.08
N THR B 29 -5.65 -11.68 -5.94
CA THR B 29 -6.27 -12.97 -5.68
C THR B 29 -6.19 -13.85 -6.94
N GLU B 30 -6.30 -15.16 -6.76
CA GLU B 30 -6.22 -16.07 -7.88
C GLU B 30 -7.19 -15.76 -9.01
N GLU B 31 -8.45 -15.46 -8.69
CA GLU B 31 -9.42 -15.18 -9.75
C GLU B 31 -9.08 -13.94 -10.58
N LYS B 32 -8.39 -12.97 -9.99
CA LYS B 32 -8.05 -11.78 -10.77
C LYS B 32 -6.83 -12.05 -11.63
N ILE B 33 -5.90 -12.84 -11.12
CA ILE B 33 -4.71 -13.18 -11.88
C ILE B 33 -5.12 -13.95 -13.14
N LYS B 34 -5.93 -14.99 -12.97
CA LYS B 34 -6.40 -15.78 -14.09
C LYS B 34 -7.11 -14.90 -15.13
N ALA B 35 -7.94 -13.98 -14.67
CA ALA B 35 -8.66 -13.08 -15.58
C ALA B 35 -7.69 -12.20 -16.35
N LEU B 36 -6.64 -11.74 -15.68
CA LEU B 36 -5.65 -10.89 -16.33
C LEU B 36 -4.87 -11.69 -17.36
N VAL B 37 -4.59 -12.95 -17.05
CA VAL B 37 -3.84 -13.80 -17.97
C VAL B 37 -4.67 -14.06 -19.23
N GLU B 38 -5.95 -14.36 -19.08
CA GLU B 38 -6.79 -14.57 -20.26
C GLU B 38 -6.83 -13.29 -21.09
N ILE B 39 -7.13 -12.17 -20.45
CA ILE B 39 -7.22 -10.88 -21.14
C ILE B 39 -5.94 -10.49 -21.86
N CYS B 40 -4.80 -10.67 -21.19
CA CYS B 40 -3.52 -10.31 -21.77
C CYS B 40 -3.07 -11.24 -22.88
N THR B 41 -3.50 -12.49 -22.84
CA THR B 41 -3.12 -13.44 -23.88
C THR B 41 -3.84 -13.07 -25.18
N GLU B 42 -5.08 -12.59 -25.06
CA GLU B 42 -5.85 -12.17 -26.22
C GLU B 42 -5.21 -10.92 -26.82
N MET B 43 -4.97 -9.91 -25.99
CA MET B 43 -4.36 -8.66 -26.45
C MET B 43 -3.03 -8.86 -27.13
N GLU B 44 -2.28 -9.88 -26.71
CA GLU B 44 -0.98 -10.17 -27.29
C GLU B 44 -1.19 -10.72 -28.72
N LYS B 45 -2.11 -11.67 -28.86
CA LYS B 45 -2.41 -12.22 -30.18
C LYS B 45 -2.81 -11.07 -31.10
N GLU B 46 -3.64 -10.18 -30.61
CA GLU B 46 -4.11 -9.02 -31.37
C GLU B 46 -3.05 -7.93 -31.58
N GLY B 47 -1.87 -8.09 -30.99
CA GLY B 47 -0.82 -7.10 -31.17
C GLY B 47 -0.86 -5.80 -30.37
N LYS B 48 -1.81 -5.68 -29.45
CA LYS B 48 -1.92 -4.44 -28.66
C LYS B 48 -0.77 -4.27 -27.66
N ILE B 49 -0.29 -5.40 -27.12
CA ILE B 49 0.82 -5.43 -26.18
C ILE B 49 1.80 -6.52 -26.62
N SER B 50 3.02 -6.45 -26.11
CA SER B 50 4.04 -7.45 -26.44
C SER B 50 4.82 -7.88 -25.20
N LYS B 51 5.15 -9.15 -25.13
CA LYS B 51 5.91 -9.66 -23.99
C LYS B 51 7.27 -8.98 -24.01
N ILE B 52 7.75 -8.55 -22.85
CA ILE B 52 9.04 -7.90 -22.78
C ILE B 52 10.01 -8.62 -21.87
N GLY B 53 11.28 -8.23 -21.99
CA GLY B 53 12.32 -8.86 -21.20
C GLY B 53 12.75 -8.09 -19.97
N PRO B 54 13.83 -8.53 -19.32
CA PRO B 54 14.32 -7.86 -18.12
C PRO B 54 15.03 -6.56 -18.43
N GLU B 55 15.32 -6.34 -19.71
CA GLU B 55 16.00 -5.13 -20.15
C GLU B 55 15.13 -3.87 -20.02
N ASN B 56 13.88 -4.06 -19.64
CA ASN B 56 12.95 -2.94 -19.42
C ASN B 56 12.85 -2.87 -17.90
N PRO B 57 13.42 -1.82 -17.29
CA PRO B 57 13.43 -1.61 -15.85
C PRO B 57 12.20 -0.93 -15.27
N TYR B 58 11.26 -0.58 -16.13
CA TYR B 58 10.04 0.11 -15.71
C TYR B 58 8.89 -0.81 -15.37
N ASN B 59 7.96 -0.30 -14.57
CA ASN B 59 6.79 -1.06 -14.18
C ASN B 59 5.68 -0.17 -13.62
N THR B 60 4.45 -0.58 -13.87
CA THR B 60 3.27 0.12 -13.42
C THR B 60 2.32 -0.97 -12.91
N PRO B 61 1.65 -0.73 -11.77
CA PRO B 61 0.73 -1.72 -11.22
C PRO B 61 -0.47 -1.98 -12.11
N VAL B 62 -0.99 -3.20 -12.05
CA VAL B 62 -2.17 -3.57 -12.82
C VAL B 62 -3.18 -4.31 -11.91
N PHE B 63 -4.46 -4.06 -12.13
CA PHE B 63 -5.51 -4.68 -11.32
C PHE B 63 -6.60 -5.20 -12.27
N ALA B 64 -7.57 -5.91 -11.71
CA ALA B 64 -8.70 -6.41 -12.49
C ALA B 64 -9.98 -6.00 -11.76
N ILE B 65 -10.82 -5.22 -12.41
CA ILE B 65 -12.06 -4.78 -11.80
C ILE B 65 -13.22 -5.35 -12.60
N LYS B 66 -14.44 -5.18 -12.12
CA LYS B 66 -15.60 -5.68 -12.86
C LYS B 66 -16.24 -4.57 -13.67
N LYS B 67 -16.50 -4.88 -14.93
CA LYS B 67 -17.09 -3.94 -15.88
C LYS B 67 -18.50 -3.50 -15.51
N LYS B 68 -19.06 -2.60 -16.31
CA LYS B 68 -20.42 -2.09 -16.09
C LYS B 68 -21.38 -3.28 -16.02
N ASP B 69 -20.97 -4.41 -16.62
CA ASP B 69 -21.78 -5.62 -16.63
C ASP B 69 -21.94 -6.14 -15.21
N SER B 70 -21.50 -7.39 -15.01
CA SER B 70 -21.60 -8.03 -13.71
C SER B 70 -20.56 -9.14 -13.59
N THR B 71 -20.32 -9.84 -14.71
CA THR B 71 -19.38 -10.95 -14.73
C THR B 71 -18.16 -10.74 -15.64
N LYS B 72 -18.18 -9.68 -16.44
CA LYS B 72 -17.08 -9.40 -17.36
C LYS B 72 -15.88 -8.70 -16.71
N TRP B 73 -14.78 -9.42 -16.55
CA TRP B 73 -13.57 -8.86 -15.96
C TRP B 73 -12.90 -7.86 -16.89
N ARG B 74 -12.32 -6.83 -16.31
CA ARG B 74 -11.64 -5.81 -17.10
C ARG B 74 -10.26 -5.50 -16.47
N LYS B 75 -9.30 -5.16 -17.33
CA LYS B 75 -7.98 -4.81 -16.85
C LYS B 75 -7.92 -3.31 -16.55
N LEU B 76 -7.32 -2.97 -15.42
CA LEU B 76 -7.19 -1.58 -15.00
C LEU B 76 -5.73 -1.35 -14.68
N VAL B 77 -5.06 -0.50 -15.45
CA VAL B 77 -3.65 -0.22 -15.18
C VAL B 77 -3.55 1.08 -14.39
N ASP B 78 -2.78 1.06 -13.31
CA ASP B 78 -2.62 2.26 -12.50
C ASP B 78 -1.51 3.11 -13.10
N PHE B 79 -1.86 4.07 -13.95
CA PHE B 79 -0.88 4.92 -14.58
C PHE B 79 -0.69 6.26 -13.85
N ARG B 80 -1.01 6.29 -12.56
CA ARG B 80 -0.87 7.51 -11.80
C ARG B 80 0.55 8.09 -11.84
N GLU B 81 1.58 7.24 -11.76
CA GLU B 81 2.95 7.75 -11.82
C GLU B 81 3.29 8.28 -13.20
N LEU B 82 3.08 7.45 -14.22
CA LEU B 82 3.38 7.85 -15.58
C LEU B 82 2.62 9.12 -15.93
N ASN B 83 1.37 9.25 -15.48
CA ASN B 83 0.60 10.46 -15.79
C ASN B 83 1.31 11.68 -15.22
N LYS B 84 1.71 11.60 -13.95
CA LYS B 84 2.38 12.72 -13.33
C LYS B 84 3.70 13.03 -14.00
N ARG B 85 4.40 11.99 -14.44
CA ARG B 85 5.67 12.20 -15.08
C ARG B 85 5.63 12.64 -16.54
N THR B 86 4.45 12.61 -17.15
CA THR B 86 4.30 13.03 -18.55
C THR B 86 3.31 14.18 -18.63
N GLN B 87 3.09 14.85 -17.50
CA GLN B 87 2.15 15.95 -17.43
C GLN B 87 2.40 17.08 -18.43
N ASP B 88 3.66 17.33 -18.76
CA ASP B 88 3.97 18.38 -19.71
C ASP B 88 3.38 18.04 -21.07
N PHE B 89 3.31 16.75 -21.38
CA PHE B 89 2.76 16.30 -22.65
C PHE B 89 1.24 16.35 -22.76
N TRP B 90 0.51 15.70 -21.86
CA TRP B 90 -0.95 15.69 -21.93
C TRP B 90 -1.65 16.97 -21.43
N GLU B 91 -1.01 17.71 -20.55
CA GLU B 91 -1.63 18.93 -20.04
C GLU B 91 -1.21 20.21 -20.80
N VAL B 92 0.09 20.40 -20.96
CA VAL B 92 0.60 21.58 -21.64
C VAL B 92 0.61 21.54 -23.16
N GLN B 93 1.22 20.50 -23.73
CA GLN B 93 1.32 20.36 -25.18
C GLN B 93 0.03 19.98 -25.92
N LEU B 94 -0.76 19.06 -25.36
CA LEU B 94 -1.99 18.64 -26.03
C LEU B 94 -3.22 18.71 -25.13
N GLY B 95 -3.21 19.65 -24.20
CA GLY B 95 -4.33 19.79 -23.28
C GLY B 95 -5.69 19.79 -23.92
N ILE B 96 -6.66 19.15 -23.25
CA ILE B 96 -8.03 19.08 -23.72
C ILE B 96 -8.85 20.04 -22.87
N PRO B 97 -9.47 21.04 -23.51
CA PRO B 97 -10.30 22.07 -22.87
C PRO B 97 -11.51 21.55 -22.11
N HIS B 98 -11.75 22.12 -20.93
CA HIS B 98 -12.90 21.74 -20.12
C HIS B 98 -13.97 22.79 -20.29
N PRO B 99 -15.18 22.38 -20.70
CA PRO B 99 -16.28 23.33 -20.89
C PRO B 99 -17.00 23.66 -19.57
N ALA B 100 -17.11 24.94 -19.27
CA ALA B 100 -17.77 25.37 -18.04
C ALA B 100 -19.27 25.14 -18.13
N GLY B 101 -19.76 24.90 -19.34
CA GLY B 101 -21.18 24.67 -19.52
C GLY B 101 -21.67 23.30 -19.09
N LEU B 102 -20.75 22.34 -18.99
CA LEU B 102 -21.11 20.97 -18.61
C LEU B 102 -21.83 20.87 -17.27
N LYS B 103 -21.28 21.51 -16.24
CA LYS B 103 -21.88 21.48 -14.91
C LYS B 103 -23.25 22.13 -14.82
N LYS B 104 -23.65 22.87 -15.84
CA LYS B 104 -24.96 23.54 -15.82
C LYS B 104 -26.10 22.75 -16.46
N LYS B 105 -25.78 21.69 -17.21
CA LYS B 105 -26.80 20.89 -17.88
C LYS B 105 -27.71 20.12 -16.94
N LYS B 106 -28.90 19.78 -17.42
CA LYS B 106 -29.85 19.03 -16.59
C LYS B 106 -29.43 17.57 -16.46
N SER B 107 -28.86 17.03 -17.52
CA SER B 107 -28.43 15.62 -17.49
C SER B 107 -27.09 15.40 -18.14
N VAL B 108 -26.26 14.60 -17.50
CA VAL B 108 -24.97 14.28 -18.08
C VAL B 108 -24.84 12.77 -18.07
N THR B 109 -24.51 12.21 -19.23
CA THR B 109 -24.33 10.78 -19.35
C THR B 109 -22.87 10.48 -19.59
N VAL B 110 -22.39 9.41 -18.96
CA VAL B 110 -21.00 8.98 -19.08
C VAL B 110 -20.91 7.72 -19.96
N LEU B 111 -20.11 7.79 -21.02
CA LEU B 111 -19.94 6.67 -21.94
C LEU B 111 -18.47 6.24 -22.02
N ASP B 112 -18.20 4.95 -21.87
CA ASP B 112 -16.81 4.47 -21.99
C ASP B 112 -16.39 4.42 -23.45
N VAL B 113 -15.27 5.05 -23.77
CA VAL B 113 -14.78 5.06 -25.15
C VAL B 113 -13.34 4.56 -25.26
N GLY B 114 -12.83 4.00 -24.17
CA GLY B 114 -11.47 3.49 -24.13
C GLY B 114 -11.05 2.57 -25.26
N ASP B 115 -12.02 1.81 -25.80
CA ASP B 115 -11.75 0.88 -26.89
C ASP B 115 -11.07 1.53 -28.09
N ALA B 116 -11.41 2.78 -28.36
CA ALA B 116 -10.84 3.50 -29.49
C ALA B 116 -9.33 3.54 -29.51
N TYR B 117 -8.74 3.83 -28.36
CA TYR B 117 -7.28 3.94 -28.25
C TYR B 117 -6.50 2.75 -28.79
N PHE B 118 -7.07 1.55 -28.67
CA PHE B 118 -6.40 0.33 -29.14
C PHE B 118 -6.18 0.28 -30.65
N SER B 119 -6.68 1.29 -31.36
CA SER B 119 -6.53 1.34 -32.81
C SER B 119 -5.40 2.25 -33.24
N VAL B 120 -4.87 3.02 -32.30
CA VAL B 120 -3.78 3.96 -32.59
C VAL B 120 -2.44 3.49 -32.06
N PRO B 121 -1.44 3.33 -32.94
CA PRO B 121 -0.12 2.88 -32.46
C PRO B 121 0.57 3.91 -31.56
N LEU B 122 1.34 3.41 -30.60
CA LEU B 122 2.06 4.28 -29.67
C LEU B 122 3.52 4.45 -30.11
N ASP B 123 4.04 5.66 -30.01
CA ASP B 123 5.42 5.95 -30.38
C ASP B 123 6.35 4.88 -29.83
N GLU B 124 7.02 4.16 -30.73
CA GLU B 124 7.94 3.08 -30.38
C GLU B 124 8.95 3.40 -29.29
N ASP B 125 9.37 4.65 -29.18
CA ASP B 125 10.34 5.01 -28.15
C ASP B 125 9.71 5.32 -26.79
N PHE B 126 8.38 5.27 -26.71
CA PHE B 126 7.70 5.56 -25.46
C PHE B 126 7.11 4.29 -24.85
N ARG B 127 6.95 3.25 -25.67
CA ARG B 127 6.36 2.00 -25.21
C ARG B 127 6.94 1.40 -23.95
N LYS B 128 8.27 1.44 -23.81
CA LYS B 128 8.90 0.84 -22.64
C LYS B 128 8.37 1.38 -21.31
N TYR B 129 7.92 2.62 -21.29
CA TYR B 129 7.39 3.21 -20.06
C TYR B 129 6.02 2.69 -19.69
N THR B 130 5.41 1.89 -20.56
CA THR B 130 4.08 1.35 -20.26
C THR B 130 4.18 -0.08 -19.74
N ALA B 131 5.38 -0.49 -19.34
CA ALA B 131 5.57 -1.85 -18.82
C ALA B 131 4.73 -2.18 -17.60
N PHE B 132 4.19 -3.40 -17.56
CA PHE B 132 3.41 -3.83 -16.41
C PHE B 132 3.68 -5.32 -16.17
N THR B 133 3.33 -5.81 -14.98
CA THR B 133 3.60 -7.20 -14.62
C THR B 133 2.40 -7.96 -14.06
N ILE B 134 2.16 -9.17 -14.56
CA ILE B 134 1.08 -9.99 -14.02
C ILE B 134 1.81 -10.97 -13.09
N PRO B 135 1.58 -10.85 -11.77
CA PRO B 135 2.24 -11.73 -10.79
C PRO B 135 1.60 -13.11 -10.72
N SER B 136 2.27 -14.01 -10.02
CA SER B 136 1.76 -15.36 -9.86
C SER B 136 1.54 -15.62 -8.38
N ILE B 137 0.63 -16.53 -8.08
CA ILE B 137 0.35 -16.89 -6.71
C ILE B 137 1.57 -17.51 -6.03
N ASN B 138 1.84 -17.05 -4.82
CA ASN B 138 2.97 -17.53 -4.03
C ASN B 138 4.31 -17.33 -4.75
N ASN B 139 4.34 -16.44 -5.74
CA ASN B 139 5.58 -16.18 -6.45
C ASN B 139 6.20 -17.47 -7.01
N GLU B 140 5.36 -18.40 -7.46
CA GLU B 140 5.86 -19.65 -7.99
C GLU B 140 6.49 -19.58 -9.38
N THR B 141 6.11 -18.60 -10.18
CA THR B 141 6.70 -18.40 -11.50
C THR B 141 7.05 -16.93 -11.61
N PRO B 142 8.13 -16.61 -12.32
CA PRO B 142 8.65 -15.24 -12.54
C PRO B 142 7.62 -14.12 -12.69
N GLY B 143 6.61 -14.30 -13.51
CA GLY B 143 5.67 -13.22 -13.66
C GLY B 143 5.71 -12.71 -15.09
N ILE B 144 4.54 -12.61 -15.70
CA ILE B 144 4.41 -12.18 -17.08
C ILE B 144 4.53 -10.68 -17.30
N ARG B 145 5.54 -10.27 -18.05
CA ARG B 145 5.80 -8.86 -18.34
C ARG B 145 5.39 -8.46 -19.76
N TYR B 146 4.76 -7.30 -19.89
CA TYR B 146 4.30 -6.80 -21.17
C TYR B 146 4.45 -5.30 -21.23
N GLN B 147 4.40 -4.76 -22.43
CA GLN B 147 4.42 -3.32 -22.65
C GLN B 147 3.40 -3.07 -23.77
N TYR B 148 2.92 -1.83 -23.90
CA TYR B 148 1.93 -1.49 -24.92
C TYR B 148 2.47 -1.11 -26.29
N ASN B 149 1.71 -1.45 -27.33
CA ASN B 149 2.08 -1.09 -28.69
C ASN B 149 1.07 -0.09 -29.24
N VAL B 150 0.01 0.16 -28.46
CA VAL B 150 -1.02 1.10 -28.88
C VAL B 150 -1.35 1.97 -27.69
N LEU B 151 -2.08 3.05 -27.91
CA LEU B 151 -2.48 3.94 -26.83
C LEU B 151 -3.15 3.09 -25.77
N PRO B 152 -2.69 3.20 -24.51
CA PRO B 152 -3.30 2.40 -23.47
C PRO B 152 -4.36 3.18 -22.68
N GLN B 153 -5.30 2.46 -22.10
CA GLN B 153 -6.34 3.09 -21.30
C GLN B 153 -5.71 3.41 -19.93
N GLY B 154 -6.10 4.53 -19.34
CA GLY B 154 -5.54 4.88 -18.04
C GLY B 154 -4.47 5.96 -18.11
N TRP B 155 -3.79 6.06 -19.25
CA TRP B 155 -2.77 7.08 -19.45
C TRP B 155 -3.41 8.34 -20.05
N LYS B 156 -3.22 9.46 -19.37
CA LYS B 156 -3.77 10.73 -19.83
C LYS B 156 -3.24 11.17 -21.18
N GLY B 157 -2.19 10.51 -21.66
CA GLY B 157 -1.65 10.86 -22.95
C GLY B 157 -2.52 10.35 -24.09
N SER B 158 -3.24 9.26 -23.83
CA SER B 158 -4.10 8.66 -24.84
C SER B 158 -5.20 9.56 -25.37
N PRO B 159 -5.99 10.19 -24.48
CA PRO B 159 -7.05 11.08 -24.95
C PRO B 159 -6.43 12.28 -25.64
N ALA B 160 -5.26 12.69 -25.12
CA ALA B 160 -4.56 13.84 -25.67
C ALA B 160 -4.16 13.61 -27.13
N ILE B 161 -3.66 12.41 -27.42
CA ILE B 161 -3.24 12.07 -28.77
C ILE B 161 -4.41 11.69 -29.68
N PHE B 162 -5.46 11.12 -29.11
CA PHE B 162 -6.63 10.70 -29.89
C PHE B 162 -7.60 11.86 -30.11
N GLN B 163 -7.28 12.99 -29.48
CA GLN B 163 -8.09 14.19 -29.54
C GLN B 163 -8.58 14.59 -30.94
N SER B 164 -7.67 14.69 -31.90
CA SER B 164 -8.04 15.09 -33.27
C SER B 164 -8.96 14.07 -33.95
N SER B 165 -8.83 12.79 -33.60
CA SER B 165 -9.69 11.78 -34.18
C SER B 165 -11.06 11.86 -33.53
N MET B 166 -11.10 12.17 -32.24
CA MET B 166 -12.36 12.28 -31.53
C MET B 166 -13.15 13.45 -32.12
N THR B 167 -12.47 14.53 -32.46
CA THR B 167 -13.15 15.69 -33.02
C THR B 167 -13.84 15.33 -34.33
N LYS B 168 -13.14 14.62 -35.22
CA LYS B 168 -13.71 14.21 -36.49
C LYS B 168 -14.94 13.34 -36.27
N ILE B 169 -14.83 12.37 -35.37
CA ILE B 169 -15.92 11.45 -35.09
C ILE B 169 -17.17 12.14 -34.56
N LEU B 170 -17.01 13.12 -33.68
CA LEU B 170 -18.15 13.82 -33.10
C LEU B 170 -18.57 15.04 -33.90
N GLU B 171 -17.82 15.38 -34.93
CA GLU B 171 -18.11 16.56 -35.75
C GLU B 171 -19.56 16.66 -36.22
N PRO B 172 -20.06 15.65 -36.98
CA PRO B 172 -21.46 15.77 -37.41
C PRO B 172 -22.48 15.77 -36.27
N PHE B 173 -22.20 15.04 -35.19
CA PHE B 173 -23.16 15.03 -34.08
C PHE B 173 -23.25 16.38 -33.39
N ARG B 174 -22.12 17.08 -33.30
CA ARG B 174 -22.08 18.39 -32.66
C ARG B 174 -22.83 19.44 -33.48
N LYS B 175 -22.55 19.49 -34.77
CA LYS B 175 -23.20 20.47 -35.62
C LYS B 175 -24.71 20.24 -35.71
N GLN B 176 -25.14 18.99 -35.54
CA GLN B 176 -26.57 18.67 -35.58
C GLN B 176 -27.22 19.01 -34.24
N ASN B 177 -26.42 18.98 -33.17
CA ASN B 177 -26.91 19.26 -31.83
C ASN B 177 -25.96 20.25 -31.15
N PRO B 178 -26.04 21.53 -31.55
CA PRO B 178 -25.22 22.64 -31.04
C PRO B 178 -25.26 22.85 -29.54
N ASP B 179 -26.41 22.58 -28.94
CA ASP B 179 -26.58 22.77 -27.50
C ASP B 179 -26.21 21.59 -26.62
N ILE B 180 -25.67 20.53 -27.20
CA ILE B 180 -25.25 19.40 -26.38
C ILE B 180 -23.77 19.57 -26.14
N VAL B 181 -23.34 19.41 -24.89
CA VAL B 181 -21.93 19.56 -24.57
C VAL B 181 -21.27 18.19 -24.37
N ILE B 182 -20.20 17.96 -25.12
CA ILE B 182 -19.47 16.71 -25.04
C ILE B 182 -18.03 17.00 -24.61
N TYR B 183 -17.62 16.33 -23.53
CA TYR B 183 -16.31 16.49 -22.94
C TYR B 183 -15.64 15.16 -22.73
N GLN B 184 -14.39 15.08 -23.13
CA GLN B 184 -13.62 13.86 -23.01
C GLN B 184 -12.62 13.96 -21.86
N TYR B 185 -12.67 13.00 -20.95
CA TYR B 185 -11.74 12.94 -19.82
C TYR B 185 -11.28 11.51 -19.68
N MET B 186 -9.99 11.31 -19.92
CA MET B 186 -9.38 9.99 -19.87
C MET B 186 -10.11 9.04 -20.83
N ASP B 187 -10.61 7.92 -20.35
CA ASP B 187 -11.26 6.99 -21.27
C ASP B 187 -12.77 7.14 -21.37
N ASP B 188 -13.29 8.23 -20.80
CA ASP B 188 -14.72 8.44 -20.84
C ASP B 188 -15.14 9.73 -21.55
N LEU B 189 -16.39 9.73 -22.00
CA LEU B 189 -16.97 10.87 -22.68
C LEU B 189 -18.12 11.33 -21.80
N TYR B 190 -18.22 12.64 -21.58
CA TYR B 190 -19.29 13.21 -20.77
C TYR B 190 -20.19 14.00 -21.70
N VAL B 191 -21.47 13.64 -21.75
CA VAL B 191 -22.43 14.30 -22.64
C VAL B 191 -23.55 14.96 -21.85
N GLY B 192 -23.67 16.27 -21.97
CA GLY B 192 -24.72 16.96 -21.25
C GLY B 192 -25.69 17.73 -22.13
N SER B 193 -26.95 17.79 -21.70
CA SER B 193 -27.97 18.52 -22.45
C SER B 193 -29.06 18.95 -21.48
N ASP B 194 -29.95 19.84 -21.93
CA ASP B 194 -31.06 20.29 -21.11
C ASP B 194 -32.35 19.62 -21.57
N LEU B 195 -32.21 18.65 -22.47
CA LEU B 195 -33.37 17.94 -23.01
C LEU B 195 -34.17 17.20 -21.94
N GLU B 196 -35.39 16.82 -22.30
CA GLU B 196 -36.29 16.05 -21.43
C GLU B 196 -35.56 14.71 -21.33
N ILE B 197 -35.68 14.02 -20.20
CA ILE B 197 -34.95 12.76 -20.04
C ILE B 197 -35.11 11.76 -21.20
N GLY B 198 -36.33 11.58 -21.68
CA GLY B 198 -36.54 10.67 -22.80
C GLY B 198 -35.78 11.12 -24.03
N GLN B 199 -35.87 12.41 -24.36
CA GLN B 199 -35.16 12.94 -25.52
C GLN B 199 -33.65 12.81 -25.32
N HIS B 200 -33.18 13.07 -24.10
CA HIS B 200 -31.76 12.98 -23.79
C HIS B 200 -31.26 11.56 -24.03
N ARG B 201 -31.98 10.58 -23.51
CA ARG B 201 -31.57 9.19 -23.69
C ARG B 201 -31.54 8.80 -25.17
N THR B 202 -32.45 9.38 -25.96
CA THR B 202 -32.49 9.09 -27.39
C THR B 202 -31.28 9.69 -28.08
N LYS B 203 -30.87 10.87 -27.65
CA LYS B 203 -29.69 11.48 -28.27
C LYS B 203 -28.45 10.65 -27.95
N ILE B 204 -28.38 10.09 -26.76
CA ILE B 204 -27.23 9.27 -26.38
C ILE B 204 -27.16 8.03 -27.27
N GLU B 205 -28.28 7.34 -27.46
CA GLU B 205 -28.29 6.15 -28.32
C GLU B 205 -27.78 6.51 -29.71
N GLU B 206 -28.18 7.68 -30.20
CA GLU B 206 -27.72 8.10 -31.51
C GLU B 206 -26.22 8.32 -31.48
N LEU B 207 -25.72 8.89 -30.39
CA LEU B 207 -24.29 9.13 -30.27
C LEU B 207 -23.51 7.82 -30.27
N ARG B 208 -24.06 6.80 -29.63
CA ARG B 208 -23.42 5.48 -29.58
C ARG B 208 -23.32 4.91 -30.99
N GLN B 209 -24.32 5.21 -31.80
CA GLN B 209 -24.33 4.71 -33.17
C GLN B 209 -23.23 5.39 -33.96
N HIS B 210 -23.04 6.70 -33.76
CA HIS B 210 -21.97 7.39 -34.45
C HIS B 210 -20.66 6.70 -34.08
N LEU B 211 -20.46 6.49 -32.78
CA LEU B 211 -19.23 5.84 -32.28
C LEU B 211 -19.06 4.40 -32.78
N LEU B 212 -20.17 3.69 -32.94
CA LEU B 212 -20.11 2.31 -33.42
C LEU B 212 -19.49 2.22 -34.80
N ARG B 213 -19.67 3.25 -35.63
CA ARG B 213 -19.11 3.23 -36.97
C ARG B 213 -17.60 3.39 -36.98
N TRP B 214 -17.03 3.82 -35.85
CA TRP B 214 -15.58 3.98 -35.76
C TRP B 214 -14.97 2.93 -34.86
N GLY B 215 -15.71 1.83 -34.64
CA GLY B 215 -15.22 0.74 -33.82
C GLY B 215 -15.38 0.90 -32.31
N LEU B 216 -16.32 1.73 -31.87
CA LEU B 216 -16.53 1.94 -30.45
C LEU B 216 -17.85 1.35 -29.96
N THR B 217 -17.79 0.13 -29.43
CA THR B 217 -19.00 -0.54 -28.94
C THR B 217 -19.44 -0.02 -27.58
N THR B 218 -19.08 1.23 -27.28
CA THR B 218 -19.41 1.91 -26.02
C THR B 218 -20.17 1.04 -25.01
N LEU B 230 -24.97 1.99 -9.01
CA LEU B 230 -24.89 2.14 -7.52
C LEU B 230 -24.72 3.61 -7.21
N TRP B 231 -23.46 4.03 -7.13
CA TRP B 231 -23.12 5.42 -6.88
C TRP B 231 -23.57 6.24 -8.10
N MET B 232 -24.09 5.54 -9.10
CA MET B 232 -24.57 6.11 -10.36
C MET B 232 -23.55 7.01 -11.04
N GLY B 233 -22.88 6.46 -12.05
CA GLY B 233 -21.89 7.19 -12.78
C GLY B 233 -22.16 7.05 -14.27
N TYR B 234 -23.44 6.88 -14.59
CA TYR B 234 -23.90 6.73 -15.98
C TYR B 234 -24.87 7.85 -16.35
N GLU B 235 -25.72 8.28 -15.40
CA GLU B 235 -26.67 9.37 -15.65
C GLU B 235 -26.76 10.39 -14.47
N LEU B 236 -26.02 11.50 -14.61
CA LEU B 236 -25.93 12.56 -13.60
C LEU B 236 -26.85 13.77 -13.81
N HIS B 237 -27.18 14.45 -12.71
CA HIS B 237 -28.03 15.62 -12.76
C HIS B 237 -27.35 16.74 -11.99
N PRO B 238 -26.31 17.35 -12.60
CA PRO B 238 -25.49 18.42 -12.05
C PRO B 238 -26.20 19.69 -11.59
N ASP B 239 -27.04 20.26 -12.45
CA ASP B 239 -27.74 21.49 -12.08
C ASP B 239 -28.69 21.24 -10.90
N LYS B 240 -28.46 20.14 -10.20
CA LYS B 240 -29.26 19.76 -9.05
C LYS B 240 -28.34 19.33 -7.91
N TRP B 241 -27.06 19.70 -7.99
CA TRP B 241 -26.08 19.33 -6.96
C TRP B 241 -25.97 20.36 -5.85
N THR B 242 -27.10 20.71 -5.27
CA THR B 242 -27.14 21.69 -4.19
C THR B 242 -26.20 21.30 -3.05
N VAL B 243 -25.32 22.24 -2.68
CA VAL B 243 -24.36 21.99 -1.60
C VAL B 243 -25.01 21.51 -0.31
N GLN B 244 -24.24 20.77 0.48
CA GLN B 244 -24.69 20.25 1.77
C GLN B 244 -24.30 21.32 2.80
N PRO B 245 -25.23 22.21 3.12
CA PRO B 245 -24.93 23.26 4.09
C PRO B 245 -24.47 22.74 5.44
N ILE B 246 -24.00 23.66 6.26
CA ILE B 246 -23.60 23.33 7.61
C ILE B 246 -24.95 23.69 8.23
N VAL B 247 -25.56 22.76 8.96
CA VAL B 247 -26.87 23.06 9.52
C VAL B 247 -26.85 23.36 10.99
N LEU B 248 -27.68 24.34 11.37
CA LEU B 248 -27.79 24.75 12.76
C LEU B 248 -29.09 24.17 13.28
N PRO B 249 -29.02 23.39 14.36
CA PRO B 249 -30.23 22.80 14.94
C PRO B 249 -31.35 23.82 15.11
N GLU B 250 -32.57 23.32 15.29
CA GLU B 250 -33.73 24.17 15.51
C GLU B 250 -34.46 23.47 16.64
N LYS B 251 -34.10 23.81 17.88
CA LYS B 251 -34.70 23.18 19.04
C LYS B 251 -35.77 23.98 19.75
N ASP B 252 -36.51 23.31 20.63
CA ASP B 252 -37.54 23.93 21.43
C ASP B 252 -36.81 24.55 22.61
N SER B 253 -36.02 23.72 23.28
CA SER B 253 -35.23 24.16 24.43
C SER B 253 -33.74 23.94 24.12
N TRP B 254 -32.88 24.78 24.68
CA TRP B 254 -31.45 24.68 24.46
C TRP B 254 -30.68 24.46 25.74
N THR B 255 -29.85 23.43 25.76
CA THR B 255 -29.03 23.19 26.95
C THR B 255 -27.70 23.91 26.75
N VAL B 256 -26.93 24.05 27.82
CA VAL B 256 -25.64 24.70 27.71
C VAL B 256 -24.85 23.94 26.67
N ASN B 257 -24.84 22.61 26.81
CA ASN B 257 -24.14 21.73 25.90
C ASN B 257 -24.49 22.03 24.44
N ASP B 258 -25.78 22.11 24.14
CA ASP B 258 -26.22 22.39 22.78
C ASP B 258 -25.71 23.74 22.27
N ILE B 259 -25.67 24.74 23.13
CA ILE B 259 -25.20 26.07 22.72
C ILE B 259 -23.70 26.02 22.44
N GLN B 260 -22.97 25.29 23.29
CA GLN B 260 -21.53 25.15 23.10
C GLN B 260 -21.26 24.46 21.76
N LYS B 261 -22.08 23.45 21.43
CA LYS B 261 -21.96 22.73 20.16
C LYS B 261 -22.19 23.73 19.04
N LEU B 262 -23.19 24.59 19.25
CA LEU B 262 -23.55 25.59 18.27
C LEU B 262 -22.43 26.60 18.10
N VAL B 263 -21.83 27.04 19.21
CA VAL B 263 -20.73 28.00 19.12
C VAL B 263 -19.56 27.36 18.38
N GLY B 264 -19.29 26.09 18.70
CA GLY B 264 -18.19 25.40 18.04
C GLY B 264 -18.39 25.33 16.53
N LYS B 265 -19.61 24.98 16.12
CA LYS B 265 -19.94 24.86 14.71
C LYS B 265 -19.92 26.22 13.99
N LEU B 266 -20.42 27.26 14.66
CA LEU B 266 -20.45 28.60 14.08
C LEU B 266 -19.04 29.17 14.03
N ASN B 267 -18.26 28.85 15.04
CA ASN B 267 -16.89 29.32 15.10
C ASN B 267 -16.10 28.75 13.93
N TRP B 268 -16.33 27.49 13.59
CA TRP B 268 -15.63 26.86 12.48
C TRP B 268 -16.09 27.46 11.15
N ALA B 269 -17.38 27.75 11.05
CA ALA B 269 -17.94 28.33 9.84
C ALA B 269 -17.50 29.77 9.63
N SER B 270 -17.13 30.44 10.71
CA SER B 270 -16.70 31.84 10.64
C SER B 270 -15.32 31.98 9.98
N GLN B 271 -14.65 30.86 9.79
CA GLN B 271 -13.33 30.84 9.16
C GLN B 271 -13.50 30.66 7.65
N ILE B 272 -14.70 30.26 7.25
CA ILE B 272 -15.02 30.02 5.86
C ILE B 272 -15.96 31.09 5.30
N TYR B 273 -17.08 31.30 5.99
CA TYR B 273 -18.07 32.26 5.54
C TYR B 273 -17.97 33.63 6.21
N PRO B 274 -17.65 34.67 5.43
CA PRO B 274 -17.55 36.02 5.99
C PRO B 274 -18.93 36.53 6.39
N GLY B 275 -19.03 37.10 7.57
CA GLY B 275 -20.31 37.62 8.03
C GLY B 275 -20.90 36.84 9.19
N ILE B 276 -20.37 35.65 9.44
CA ILE B 276 -20.84 34.81 10.55
C ILE B 276 -20.58 35.50 11.88
N LYS B 277 -21.63 35.71 12.67
CA LYS B 277 -21.49 36.37 13.98
C LYS B 277 -21.90 35.44 15.12
N VAL B 278 -21.17 35.48 16.23
CA VAL B 278 -21.48 34.60 17.36
C VAL B 278 -21.46 35.27 18.73
N ARG B 279 -21.26 36.58 18.76
CA ARG B 279 -21.19 37.29 20.04
C ARG B 279 -22.46 37.14 20.90
N GLN B 280 -23.63 37.24 20.29
CA GLN B 280 -24.89 37.10 21.03
C GLN B 280 -25.02 35.76 21.75
N LEU B 281 -24.49 34.71 21.14
CA LEU B 281 -24.55 33.38 21.75
C LEU B 281 -23.53 33.21 22.86
N CYS B 282 -22.33 33.77 22.68
CA CYS B 282 -21.29 33.70 23.71
C CYS B 282 -21.86 34.25 25.01
N LYS B 283 -22.76 35.20 24.88
CA LYS B 283 -23.40 35.83 26.02
C LYS B 283 -24.22 34.83 26.83
N LEU B 284 -24.98 33.98 26.14
CA LEU B 284 -25.79 32.98 26.81
C LEU B 284 -24.95 32.04 27.68
N LEU B 285 -23.70 31.84 27.30
CA LEU B 285 -22.80 30.96 28.03
C LEU B 285 -21.88 31.72 28.98
N ARG B 286 -22.46 32.38 29.97
CA ARG B 286 -21.65 33.12 30.92
C ARG B 286 -21.59 32.43 32.28
N GLY B 287 -20.38 32.25 32.80
CA GLY B 287 -20.23 31.60 34.08
C GLY B 287 -19.78 30.15 33.91
N THR B 288 -19.94 29.36 34.97
CA THR B 288 -19.56 27.96 34.95
C THR B 288 -20.81 27.12 35.22
N LYS B 289 -21.62 26.93 34.17
CA LYS B 289 -22.86 26.18 34.31
C LYS B 289 -22.84 24.69 33.97
N ALA B 290 -23.86 23.98 34.43
CA ALA B 290 -24.00 22.55 34.19
C ALA B 290 -24.38 22.33 32.72
N LEU B 291 -23.82 21.28 32.13
CA LEU B 291 -24.06 20.97 30.72
C LEU B 291 -25.53 20.75 30.37
N THR B 292 -26.29 20.18 31.30
CA THR B 292 -27.70 19.91 31.07
C THR B 292 -28.69 21.05 31.35
N GLU B 293 -28.19 22.15 31.93
CA GLU B 293 -29.04 23.29 32.27
C GLU B 293 -29.65 23.94 31.04
N VAL B 294 -30.95 24.24 31.13
CA VAL B 294 -31.66 24.88 30.02
C VAL B 294 -31.43 26.38 30.06
N ILE B 295 -31.06 26.95 28.91
CA ILE B 295 -30.80 28.37 28.81
C ILE B 295 -31.75 28.99 27.79
N PRO B 296 -32.59 29.94 28.25
CA PRO B 296 -33.57 30.64 27.41
C PRO B 296 -32.91 31.48 26.34
N LEU B 297 -33.40 31.36 25.11
CA LEU B 297 -32.85 32.12 23.99
C LEU B 297 -33.39 33.54 23.86
N THR B 298 -32.51 34.51 24.09
CA THR B 298 -32.89 35.92 23.96
C THR B 298 -33.12 36.18 22.48
N GLU B 299 -34.10 37.04 22.17
CA GLU B 299 -34.44 37.37 20.78
C GLU B 299 -33.26 38.01 20.03
N GLU B 300 -32.33 38.56 20.78
CA GLU B 300 -31.15 39.21 20.21
C GLU B 300 -30.21 38.17 19.61
N ALA B 301 -30.29 36.95 20.13
CA ALA B 301 -29.45 35.84 19.68
C ALA B 301 -30.25 34.96 18.73
N GLU B 302 -31.57 34.98 18.86
CA GLU B 302 -32.42 34.19 17.98
C GLU B 302 -32.38 34.85 16.62
N LEU B 303 -31.98 36.13 16.62
CA LEU B 303 -31.87 36.90 15.38
C LEU B 303 -30.56 36.49 14.70
N GLU B 304 -29.49 36.44 15.49
CA GLU B 304 -28.17 36.06 15.00
C GLU B 304 -28.23 34.66 14.38
N LEU B 305 -28.97 33.78 15.05
CA LEU B 305 -29.15 32.40 14.60
C LEU B 305 -29.72 32.40 13.20
N ALA B 306 -30.82 33.12 13.02
CA ALA B 306 -31.52 33.23 11.75
C ALA B 306 -30.63 33.80 10.64
N GLU B 307 -29.86 34.83 10.98
CA GLU B 307 -28.97 35.47 10.03
C GLU B 307 -27.83 34.56 9.59
N ASN B 308 -27.38 33.67 10.48
CA ASN B 308 -26.31 32.76 10.14
C ASN B 308 -26.81 31.64 9.24
N ARG B 309 -28.09 31.26 9.39
CA ARG B 309 -28.68 30.22 8.56
C ARG B 309 -28.72 30.67 7.11
N GLU B 310 -28.94 31.96 6.91
CA GLU B 310 -29.00 32.53 5.57
C GLU B 310 -27.65 32.58 4.86
N ILE B 311 -26.59 32.82 5.62
CA ILE B 311 -25.27 32.87 5.03
C ILE B 311 -24.80 31.47 4.68
N LEU B 312 -25.16 30.52 5.52
CA LEU B 312 -24.77 29.13 5.34
C LEU B 312 -25.40 28.39 4.15
N LYS B 313 -26.61 28.79 3.75
CA LYS B 313 -27.26 28.12 2.63
C LYS B 313 -26.85 28.71 1.28
N GLU B 314 -25.92 29.65 1.32
CA GLU B 314 -25.43 30.30 0.10
C GLU B 314 -23.99 29.92 -0.22
N PRO B 315 -23.54 30.23 -1.43
CA PRO B 315 -22.15 29.90 -1.81
C PRO B 315 -21.20 30.67 -0.92
N VAL B 316 -19.99 30.14 -0.76
CA VAL B 316 -18.99 30.81 0.04
C VAL B 316 -18.45 31.99 -0.73
N HIS B 317 -18.58 33.17 -0.16
CA HIS B 317 -18.10 34.39 -0.81
C HIS B 317 -16.58 34.51 -0.68
N GLY B 318 -15.90 34.70 -1.80
CA GLY B 318 -14.46 34.86 -1.77
C GLY B 318 -13.64 33.64 -2.18
N VAL B 319 -14.30 32.51 -2.38
CA VAL B 319 -13.61 31.28 -2.77
C VAL B 319 -13.79 30.96 -4.24
N TYR B 320 -12.67 30.83 -4.95
CA TYR B 320 -12.71 30.52 -6.36
C TYR B 320 -11.69 29.46 -6.70
N TYR B 321 -11.94 28.78 -7.81
CA TYR B 321 -11.07 27.71 -8.28
C TYR B 321 -9.80 28.28 -8.90
N ASP B 322 -8.67 27.76 -8.48
CA ASP B 322 -7.38 28.18 -9.00
C ASP B 322 -6.93 27.02 -9.88
N PRO B 323 -7.00 27.18 -11.20
CA PRO B 323 -6.61 26.15 -12.17
C PRO B 323 -5.23 25.54 -11.97
N SER B 324 -4.32 26.32 -11.36
CA SER B 324 -2.97 25.83 -11.14
C SER B 324 -2.79 25.10 -9.81
N LYS B 325 -3.85 25.04 -9.02
CA LYS B 325 -3.77 24.36 -7.72
C LYS B 325 -4.45 22.99 -7.70
N ASP B 326 -3.99 22.14 -6.80
CA ASP B 326 -4.54 20.80 -6.63
C ASP B 326 -5.86 20.83 -5.87
N LEU B 327 -6.80 19.97 -6.27
CA LEU B 327 -8.08 19.87 -5.61
C LEU B 327 -7.95 18.85 -4.50
N ILE B 328 -8.48 19.15 -3.33
CA ILE B 328 -8.41 18.21 -2.22
C ILE B 328 -9.80 17.78 -1.77
N ALA B 329 -9.97 16.50 -1.47
CA ALA B 329 -11.27 16.04 -1.02
C ALA B 329 -11.11 15.34 0.31
N GLU B 330 -11.86 15.80 1.30
CA GLU B 330 -11.84 15.19 2.62
C GLU B 330 -13.19 14.49 2.80
N ILE B 331 -13.18 13.31 3.42
CA ILE B 331 -14.41 12.54 3.64
C ILE B 331 -14.53 12.09 5.09
N GLN B 332 -15.69 12.30 5.71
CA GLN B 332 -15.86 11.84 7.09
C GLN B 332 -16.96 10.77 7.17
N LYS B 333 -16.72 9.75 7.98
CA LYS B 333 -17.69 8.70 8.23
C LYS B 333 -18.67 9.27 9.27
N GLN B 334 -19.95 9.39 8.92
CA GLN B 334 -20.94 9.94 9.86
C GLN B 334 -21.70 8.84 10.61
N GLY B 335 -21.71 7.63 10.06
CA GLY B 335 -22.42 6.53 10.67
C GLY B 335 -23.72 6.23 9.93
N GLN B 336 -24.27 5.03 10.12
CA GLN B 336 -25.52 4.65 9.48
C GLN B 336 -25.48 4.79 7.96
N GLY B 337 -24.35 4.46 7.36
CA GLY B 337 -24.23 4.54 5.92
C GLY B 337 -24.22 5.95 5.32
N GLN B 338 -23.91 6.96 6.15
CA GLN B 338 -23.85 8.33 5.67
C GLN B 338 -22.40 8.82 5.68
N TRP B 339 -22.04 9.60 4.67
CA TRP B 339 -20.69 10.12 4.56
C TRP B 339 -20.77 11.55 4.07
N THR B 340 -19.94 12.42 4.66
CA THR B 340 -19.90 13.80 4.25
C THR B 340 -18.56 14.05 3.59
N TYR B 341 -18.50 15.06 2.74
CA TYR B 341 -17.25 15.36 2.06
C TYR B 341 -17.18 16.83 1.68
N GLN B 342 -15.94 17.31 1.52
CA GLN B 342 -15.68 18.69 1.12
C GLN B 342 -14.57 18.68 0.09
N ILE B 343 -14.65 19.60 -0.86
CA ILE B 343 -13.61 19.70 -1.83
C ILE B 343 -13.12 21.12 -1.69
N TYR B 344 -11.81 21.29 -1.63
CA TYR B 344 -11.22 22.61 -1.51
C TYR B 344 -9.78 22.58 -2.02
N GLN B 345 -9.19 23.77 -2.19
CA GLN B 345 -7.81 23.87 -2.63
C GLN B 345 -7.02 24.45 -1.46
N GLU B 346 -7.59 25.49 -0.85
CA GLU B 346 -7.02 26.15 0.31
C GLU B 346 -7.78 25.51 1.47
N PRO B 347 -7.07 24.87 2.41
CA PRO B 347 -7.73 24.23 3.54
C PRO B 347 -8.97 24.94 4.09
N PHE B 348 -10.08 24.22 4.07
CA PHE B 348 -11.37 24.68 4.59
C PHE B 348 -12.07 25.78 3.79
N LYS B 349 -11.51 26.18 2.65
CA LYS B 349 -12.12 27.17 1.78
C LYS B 349 -12.88 26.31 0.75
N ASN B 350 -14.01 25.80 1.19
CA ASN B 350 -14.86 24.91 0.39
C ASN B 350 -15.35 25.37 -0.97
N LEU B 351 -14.99 24.62 -1.99
CA LEU B 351 -15.48 24.92 -3.34
C LEU B 351 -16.79 24.15 -3.48
N LYS B 352 -16.90 23.05 -2.73
CA LYS B 352 -18.08 22.22 -2.77
C LYS B 352 -18.14 21.30 -1.56
N THR B 353 -19.34 21.05 -1.07
CA THR B 353 -19.55 20.16 0.05
C THR B 353 -20.68 19.26 -0.40
N GLY B 354 -20.80 18.08 0.19
CA GLY B 354 -21.86 17.18 -0.20
C GLY B 354 -21.96 16.04 0.78
N LYS B 355 -22.73 15.03 0.40
CA LYS B 355 -22.91 13.85 1.23
C LYS B 355 -23.19 12.65 0.36
N TYR B 356 -22.98 11.47 0.92
CA TYR B 356 -23.23 10.22 0.23
C TYR B 356 -23.78 9.22 1.22
N ALA B 357 -24.88 8.56 0.86
CA ALA B 357 -25.49 7.57 1.74
C ALA B 357 -25.86 6.30 0.98
N ARG B 358 -25.62 5.14 1.59
CA ARG B 358 -25.92 3.86 0.96
C ARG B 358 -27.38 3.77 0.52
N ASN B 365 -20.85 -2.75 3.25
CA ASN B 365 -19.81 -2.57 4.30
C ASN B 365 -19.11 -1.20 4.20
N ASP B 366 -18.28 -0.90 5.19
CA ASP B 366 -17.56 0.38 5.22
C ASP B 366 -16.66 0.65 4.03
N VAL B 367 -15.82 -0.32 3.66
CA VAL B 367 -14.91 -0.11 2.54
C VAL B 367 -15.67 0.08 1.25
N LYS B 368 -16.72 -0.70 1.06
CA LYS B 368 -17.50 -0.59 -0.14
C LYS B 368 -18.12 0.78 -0.25
N GLN B 369 -18.66 1.28 0.86
CA GLN B 369 -19.30 2.59 0.88
C GLN B 369 -18.29 3.69 0.58
N LEU B 370 -17.08 3.57 1.12
CA LEU B 370 -16.06 4.56 0.87
C LEU B 370 -15.68 4.60 -0.61
N THR B 371 -15.38 3.42 -1.20
CA THR B 371 -15.00 3.38 -2.61
C THR B 371 -16.09 4.00 -3.46
N GLU B 372 -17.35 3.76 -3.09
CA GLU B 372 -18.46 4.32 -3.85
C GLU B 372 -18.49 5.84 -3.72
N ALA B 373 -18.30 6.33 -2.50
CA ALA B 373 -18.31 7.78 -2.30
C ALA B 373 -17.16 8.41 -3.09
N VAL B 374 -15.99 7.78 -3.03
CA VAL B 374 -14.84 8.29 -3.77
C VAL B 374 -15.12 8.36 -5.28
N GLN B 375 -15.79 7.35 -5.83
CA GLN B 375 -16.06 7.37 -7.27
C GLN B 375 -17.07 8.44 -7.64
N LYS B 376 -18.04 8.63 -6.78
CA LYS B 376 -19.06 9.64 -7.00
C LYS B 376 -18.46 11.04 -6.90
N ILE B 377 -17.57 11.25 -5.92
CA ILE B 377 -16.96 12.57 -5.75
C ILE B 377 -16.02 12.89 -6.91
N THR B 378 -15.26 11.90 -7.35
CA THR B 378 -14.34 12.12 -8.48
C THR B 378 -15.08 12.52 -9.76
N THR B 379 -16.24 11.91 -9.96
CA THR B 379 -17.05 12.18 -11.14
C THR B 379 -17.56 13.61 -11.17
N GLU B 380 -18.12 14.06 -10.04
CA GLU B 380 -18.63 15.41 -9.95
C GLU B 380 -17.47 16.36 -10.20
N SER B 381 -16.34 16.05 -9.58
CA SER B 381 -15.16 16.87 -9.74
C SER B 381 -14.77 16.98 -11.22
N ILE B 382 -14.71 15.85 -11.93
CA ILE B 382 -14.39 15.85 -13.37
C ILE B 382 -15.40 16.72 -14.15
N VAL B 383 -16.66 16.67 -13.75
CA VAL B 383 -17.67 17.45 -14.45
C VAL B 383 -17.54 18.95 -14.20
N ILE B 384 -17.31 19.32 -12.95
CA ILE B 384 -17.18 20.71 -12.56
C ILE B 384 -15.86 21.38 -12.97
N TRP B 385 -14.73 20.73 -12.69
CA TRP B 385 -13.42 21.32 -12.97
C TRP B 385 -12.59 20.64 -14.05
N GLY B 386 -12.98 19.44 -14.45
CA GLY B 386 -12.22 18.73 -15.46
C GLY B 386 -10.93 18.16 -14.91
N LYS B 387 -10.97 17.70 -13.66
CA LYS B 387 -9.80 17.09 -13.04
C LYS B 387 -10.25 16.39 -11.77
N THR B 388 -9.49 15.38 -11.36
CA THR B 388 -9.82 14.61 -10.18
C THR B 388 -9.10 15.19 -8.96
N PRO B 389 -9.73 15.10 -7.78
CA PRO B 389 -9.10 15.63 -6.58
C PRO B 389 -8.23 14.60 -5.89
N LYS B 390 -7.37 15.05 -4.97
CA LYS B 390 -6.54 14.13 -4.20
C LYS B 390 -7.36 13.84 -2.94
N PHE B 391 -7.64 12.57 -2.66
CA PHE B 391 -8.45 12.22 -1.50
C PHE B 391 -7.73 11.96 -0.19
N LYS B 392 -8.32 12.43 0.90
CA LYS B 392 -7.81 12.15 2.22
C LYS B 392 -8.83 11.15 2.77
N LEU B 393 -8.43 9.88 2.80
CA LEU B 393 -9.29 8.78 3.24
C LEU B 393 -9.15 8.38 4.70
N PRO B 394 -10.29 8.24 5.40
CA PRO B 394 -10.39 7.85 6.81
C PRO B 394 -10.40 6.34 6.90
N ILE B 395 -9.26 5.73 6.60
CA ILE B 395 -9.15 4.27 6.63
C ILE B 395 -7.68 3.89 6.68
N GLN B 396 -7.42 2.67 7.12
CA GLN B 396 -6.04 2.20 7.20
C GLN B 396 -5.55 1.86 5.80
N LYS B 397 -4.34 2.33 5.50
CA LYS B 397 -3.70 2.10 4.21
C LYS B 397 -3.87 0.69 3.65
N GLU B 398 -3.41 -0.32 4.38
CA GLU B 398 -3.50 -1.70 3.92
C GLU B 398 -4.92 -2.22 3.71
N THR B 399 -5.85 -1.77 4.55
CA THR B 399 -7.23 -2.22 4.40
C THR B 399 -7.77 -1.72 3.07
N TRP B 400 -7.49 -0.47 2.77
CA TRP B 400 -7.94 0.11 1.51
C TRP B 400 -7.27 -0.60 0.34
N GLU B 401 -5.95 -0.75 0.42
CA GLU B 401 -5.19 -1.39 -0.64
C GLU B 401 -5.65 -2.82 -0.92
N THR B 402 -5.98 -3.53 0.14
CA THR B 402 -6.42 -4.90 -0.03
C THR B 402 -7.80 -5.01 -0.65
N TRP B 403 -8.71 -4.13 -0.26
CA TRP B 403 -10.08 -4.24 -0.73
C TRP B 403 -10.67 -3.30 -1.78
N TRP B 404 -10.06 -2.16 -2.04
CA TRP B 404 -10.68 -1.24 -3.00
C TRP B 404 -11.06 -1.80 -4.37
N THR B 405 -10.26 -2.70 -4.94
CA THR B 405 -10.61 -3.25 -6.25
C THR B 405 -11.80 -4.20 -6.25
N GLU B 406 -12.22 -4.67 -5.08
CA GLU B 406 -13.35 -5.58 -5.01
C GLU B 406 -14.66 -4.89 -5.38
N TYR B 407 -14.66 -3.56 -5.34
CA TYR B 407 -15.87 -2.79 -5.60
C TYR B 407 -15.64 -1.69 -6.63
N TRP B 408 -14.38 -1.34 -6.86
CA TRP B 408 -14.06 -0.28 -7.81
C TRP B 408 -14.59 -0.60 -9.19
N GLN B 409 -15.23 0.37 -9.82
CA GLN B 409 -15.77 0.18 -11.16
C GLN B 409 -15.37 1.24 -12.17
N ALA B 410 -14.74 2.32 -11.73
CA ALA B 410 -14.32 3.38 -12.66
C ALA B 410 -13.06 2.97 -13.42
N THR B 411 -12.77 3.64 -14.54
CA THR B 411 -11.58 3.30 -15.31
C THR B 411 -10.41 4.20 -14.96
N TRP B 412 -10.64 5.15 -14.07
CA TRP B 412 -9.56 6.02 -13.63
C TRP B 412 -9.27 5.72 -12.18
N ILE B 413 -8.23 6.35 -11.65
CA ILE B 413 -7.83 6.17 -10.26
C ILE B 413 -7.26 7.51 -9.76
N PRO B 414 -7.89 8.09 -8.74
CA PRO B 414 -7.40 9.36 -8.20
C PRO B 414 -6.25 9.19 -7.24
N GLU B 415 -5.59 10.30 -6.94
CA GLU B 415 -4.50 10.34 -5.98
C GLU B 415 -5.15 10.22 -4.61
N TRP B 416 -4.54 9.48 -3.70
CA TRP B 416 -5.12 9.38 -2.37
C TRP B 416 -4.07 9.34 -1.26
N GLU B 417 -4.49 9.76 -0.07
CA GLU B 417 -3.69 9.77 1.14
C GLU B 417 -4.55 9.14 2.23
N PHE B 418 -3.89 8.61 3.26
CA PHE B 418 -4.62 8.00 4.34
C PHE B 418 -4.44 8.84 5.60
N VAL B 419 -5.56 9.27 6.16
CA VAL B 419 -5.49 10.13 7.34
C VAL B 419 -6.40 9.73 8.48
N ASN B 420 -6.22 10.45 9.59
CA ASN B 420 -7.00 10.25 10.80
C ASN B 420 -7.96 11.44 10.87
N THR B 421 -9.25 11.17 10.85
CA THR B 421 -10.23 12.25 10.89
C THR B 421 -10.27 12.95 12.26
N PRO B 422 -10.20 14.28 12.27
CA PRO B 422 -10.24 15.07 13.50
C PRO B 422 -11.70 15.02 13.97
N PRO B 423 -11.97 14.34 15.10
CA PRO B 423 -13.32 14.23 15.65
C PRO B 423 -14.23 15.45 15.45
N LEU B 424 -13.66 16.64 15.60
CA LEU B 424 -14.44 17.86 15.45
C LEU B 424 -15.04 18.05 14.05
N VAL B 425 -14.21 17.95 13.01
CA VAL B 425 -14.67 18.12 11.64
C VAL B 425 -15.92 17.28 11.34
N LYS B 426 -15.97 16.06 11.84
CA LYS B 426 -17.13 15.18 11.63
C LYS B 426 -18.39 15.81 12.23
N LEU B 427 -18.23 16.44 13.39
CA LEU B 427 -19.34 17.07 14.09
C LEU B 427 -19.88 18.29 13.36
N TRP B 428 -18.98 19.12 12.83
CA TRP B 428 -19.35 20.35 12.11
C TRP B 428 -20.18 20.09 10.85
N TYR B 429 -19.84 19.04 10.11
CA TYR B 429 -20.53 18.71 8.87
C TYR B 429 -21.63 17.67 8.98
N GLN B 430 -22.06 17.40 10.21
CA GLN B 430 -23.11 16.41 10.45
C GLN B 430 -24.46 16.88 9.92
C1 GLC C . 0.27 5.17 -6.08
C2 GLC C . 0.79 5.98 -7.29
C3 GLC C . 1.48 7.26 -6.80
C4 GLC C . 0.44 8.06 -6.01
C5 GLC C . -0.08 7.22 -4.82
C6 GLC C . -1.15 7.94 -3.99
O2 GLC C . 1.71 5.18 -8.05
O3 GLC C . 1.95 8.03 -7.91
O4 GLC C . 1.04 9.26 -5.53
O5 GLC C . -0.66 5.99 -5.28
O6 GLC C . -2.29 8.20 -4.81
C1 FRU C . 1.80 2.38 -5.72
C2 FRU C . 1.53 3.50 -4.70
C3 FRU C . 2.60 3.62 -3.60
C4 FRU C . 1.80 4.28 -2.47
C5 FRU C . 0.48 3.51 -2.60
C6 FRU C . -0.75 4.27 -2.13
O1 FRU C . 1.41 1.11 -5.21
O2 FRU C . 1.43 4.81 -5.29
O3 FRU C . 3.71 4.45 -3.98
O4 FRU C . 2.41 4.09 -1.17
O5 FRU C . 0.32 3.19 -3.99
O6 FRU C . -1.87 3.39 -2.14
C1 MLA D . -24.52 18.78 39.22
O1A MLA D . -24.81 17.77 39.77
O1B MLA D . -23.46 19.52 39.58
C2 MLA D . -25.29 19.42 38.02
C3 MLA D . -26.82 19.37 38.00
O3A MLA D . -27.57 20.17 38.48
O3B MLA D . -27.29 18.28 37.35
N1 1WT E . 8.30 -24.61 -5.47
C2 1WT E . 8.63 -23.38 -4.94
C3 1WT E . 9.55 -23.23 -3.90
C4 1WT E . 10.14 -24.40 -3.39
C4A 1WT E . 9.83 -25.70 -3.92
N5 1WT E . 10.46 -26.90 -3.35
C6 1WT E . 9.80 -28.12 -3.10
C6A 1WT E . 8.34 -28.35 -3.42
C7 1WT E . 7.52 -29.11 -2.50
C8 1WT E . 6.13 -29.33 -2.78
C9 1WT E . 5.64 -28.78 -3.96
N10 1WT E . 6.39 -28.06 -4.84
C10 1WT E . 7.74 -27.83 -4.57
N11 1WT E . 8.53 -27.05 -5.50
C11 1WT E . 8.89 -25.76 -4.96
C12 1WT E . 11.90 -26.83 -3.00
O13 1WT E . 10.38 -29.09 -2.62
C14 1WT E . 8.02 -27.04 -6.91
C15 1WT E . 8.20 -28.43 -7.56
C16 1WT E . 5.19 -30.12 -1.88
C17 1WT E . 5.29 -31.59 -2.17
O18 1WT E . 6.57 -32.00 -1.67
C19 1WT E . 7.06 -33.23 -2.06
C20 1WT E . 6.24 -34.30 -2.60
C21 1WT E . 6.81 -35.52 -2.96
N22 1WT E . 8.17 -35.76 -2.82
O23 1WT E . 8.62 -36.93 -3.19
C24 1WT E . 9.04 -34.72 -2.28
C25 1WT E . 8.45 -33.43 -1.89
C26 1WT E . 10.45 -34.89 -2.11
C27 1WT E . 11.26 -33.87 -1.58
C28 1WT E . 10.70 -32.62 -1.21
C29 1WT E . 9.31 -32.41 -1.37
#